data_1QMZ
#
_entry.id   1QMZ
#
_cell.length_a   152.600
_cell.length_b   163.700
_cell.length_c   73.300
_cell.angle_alpha   90.00
_cell.angle_beta   90.00
_cell.angle_gamma   90.00
#
_symmetry.space_group_name_H-M   'P 21 21 2'
#
loop_
_entity.id
_entity.type
_entity.pdbx_description
1 polymer 'CELL DIVISION PROTEIN KINASE 2'
2 polymer 'G2/MITOTIC-SPECIFIC CYCLIN A'
3 polymer 'SUBSTRATE PEPTIDE'
4 non-polymer "ADENOSINE-5'-TRIPHOSPHATE"
5 non-polymer 'MAGNESIUM ION'
6 water water
#
loop_
_entity_poly.entity_id
_entity_poly.type
_entity_poly.pdbx_seq_one_letter_code
_entity_poly.pdbx_strand_id
1 'polypeptide(L)'
;SMENFQKVEKIGEGTYGVVYKARNKLTGEVVALKKIRLDTETEGVPSTAIREISLLKELNHPNIVKLLDVIHTENKLYLV
FEFLHQDLKKFMDASALTGIPLPLIKSYLFQLLQGLAFCHSHRVLHRDLKPQNLLINTEGAIKLADFGLARAFGVPVRTY
(TPO)HEVVTLWYRAPEILLGCKYYSTAVDIWSLGCIFAEMVTRRALFPGDSEIDQLFRIFRTLGTPDEVVWPGVTSMPD
YKPSFPKWARQDFSKVVPPLDEDGRSLLSQMLHYDPNKRISAKAALAHPFFQDVTKPVPHLRL
;
A,C
2 'polypeptide(L)'
;EVPDYHEDIHTYLREMEVKCKPKVGYMKKQPDITNSMRAILVDWLVEVGEEYKLQNETLHLAVNYIDRFLSSMSVLRGKL
QLVGTAAMLLASKFEEIYPPEVAEFVYITDDTYTKKQVLRMEHLVLKVLTFDLAAPTVNQFLTQYFLHQQPANCKVESLA
MFLGELSLIDADPYLKYLPSVIAGAAFHLALYTVTGQSWPESLIRKTGYTLESLKPCLMDLHQTYLKAPQHAQQSIREKY
KNSKYHGVSLLNPPETLNL
;
B,D
3 'polypeptide(L)' HHASPRK E,F
#
loop_
_chem_comp.id
_chem_comp.type
_chem_comp.name
_chem_comp.formula
ATP non-polymer ADENOSINE-5'-TRIPHOSPHATE 'C10 H16 N5 O13 P3'
MG non-polymer 'MAGNESIUM ION' 'Mg 2'
#
# COMPACT_ATOMS: atom_id res chain seq x y z
N SER A 1 3.69 -18.09 -11.16
CA SER A 1 2.59 -17.50 -10.41
C SER A 1 2.20 -18.31 -9.15
N MET A 2 1.48 -19.41 -9.43
CA MET A 2 1.30 -20.42 -8.40
C MET A 2 2.61 -21.18 -8.31
N GLU A 3 3.74 -20.57 -8.75
CA GLU A 3 4.99 -21.31 -8.76
C GLU A 3 5.38 -21.87 -7.41
N ASN A 4 5.26 -21.11 -6.36
CA ASN A 4 5.69 -21.23 -5.03
C ASN A 4 4.76 -22.03 -4.17
N PHE A 5 3.60 -22.46 -4.65
CA PHE A 5 2.79 -23.34 -3.78
C PHE A 5 2.75 -24.79 -4.19
N GLN A 6 2.82 -25.70 -3.24
CA GLN A 6 2.74 -27.14 -3.59
C GLN A 6 1.42 -27.68 -3.05
N LYS A 7 0.52 -28.06 -3.92
CA LYS A 7 -0.72 -28.68 -3.52
C LYS A 7 -0.49 -29.96 -2.77
N VAL A 8 -1.08 -30.04 -1.58
CA VAL A 8 -0.95 -31.16 -0.66
C VAL A 8 -2.18 -32.04 -0.64
N GLU A 9 -3.42 -31.60 -0.48
CA GLU A 9 -4.64 -32.38 -0.56
C GLU A 9 -5.88 -31.49 -0.71
N LYS A 10 -6.97 -32.11 -1.16
CA LYS A 10 -8.27 -31.50 -1.39
C LYS A 10 -8.96 -31.41 -0.05
N ILE A 11 -9.44 -30.28 0.34
CA ILE A 11 -9.92 -29.92 1.66
C ILE A 11 -11.43 -29.79 1.64
N GLY A 12 -11.93 -29.57 0.44
CA GLY A 12 -13.31 -29.29 0.14
C GLY A 12 -13.39 -29.01 -1.37
N GLU A 13 -14.59 -28.67 -1.79
CA GLU A 13 -14.92 -28.33 -3.15
C GLU A 13 -16.13 -27.40 -3.06
N GLY A 14 -16.17 -26.54 -4.09
CA GLY A 14 -17.29 -25.62 -4.22
C GLY A 14 -17.68 -25.47 -5.68
N THR A 15 -18.36 -24.39 -5.86
CA THR A 15 -19.02 -23.78 -6.96
C THR A 15 -18.15 -23.42 -8.14
N TYR A 16 -17.06 -22.71 -7.81
CA TYR A 16 -16.14 -22.20 -8.82
C TYR A 16 -14.86 -22.99 -9.01
N GLY A 17 -14.75 -24.16 -8.35
CA GLY A 17 -13.51 -24.91 -8.58
C GLY A 17 -13.23 -26.00 -7.56
N VAL A 18 -12.23 -25.86 -6.72
CA VAL A 18 -11.79 -26.79 -5.71
C VAL A 18 -11.13 -25.94 -4.59
N VAL A 19 -10.95 -26.65 -3.45
CA VAL A 19 -10.24 -26.04 -2.35
C VAL A 19 -9.12 -26.99 -1.89
N TYR A 20 -7.89 -26.44 -2.10
CA TYR A 20 -6.76 -27.25 -1.62
C TYR A 20 -5.94 -26.81 -0.42
N LYS A 21 -5.39 -27.81 0.27
CA LYS A 21 -4.42 -27.54 1.32
C LYS A 21 -3.10 -27.47 0.52
N ALA A 22 -2.29 -26.43 0.81
CA ALA A 22 -1.06 -26.30 -0.03
C ALA A 22 0.01 -25.76 0.90
N ARG A 23 1.26 -25.82 0.41
CA ARG A 23 2.28 -25.20 1.23
C ARG A 23 3.17 -24.32 0.35
N ASN A 24 3.55 -23.19 0.97
CA ASN A 24 4.51 -22.30 0.31
C ASN A 24 5.86 -22.99 0.32
N LYS A 25 6.45 -23.29 -0.80
CA LYS A 25 7.72 -24.02 -0.99
C LYS A 25 8.91 -23.23 -0.46
N LEU A 26 8.77 -21.92 -0.36
CA LEU A 26 9.90 -21.11 0.11
C LEU A 26 9.80 -20.90 1.61
N THR A 27 8.64 -20.63 2.19
CA THR A 27 8.59 -20.34 3.61
C THR A 27 8.08 -21.50 4.45
N GLY A 28 7.53 -22.53 3.79
CA GLY A 28 6.90 -23.60 4.56
C GLY A 28 5.44 -23.26 4.94
N GLU A 29 4.92 -22.05 4.77
CA GLU A 29 3.54 -21.79 5.21
C GLU A 29 2.48 -22.71 4.61
N VAL A 30 1.55 -23.21 5.44
CA VAL A 30 0.53 -24.13 4.98
C VAL A 30 -0.65 -23.24 4.68
N VAL A 31 -1.33 -23.33 3.55
CA VAL A 31 -2.38 -22.46 3.17
C VAL A 31 -3.57 -23.23 2.57
N ALA A 32 -4.71 -22.54 2.38
CA ALA A 32 -5.85 -23.14 1.71
C ALA A 32 -5.98 -22.24 0.47
N LEU A 33 -5.98 -22.86 -0.66
CA LEU A 33 -6.09 -22.26 -1.95
C LEU A 33 -7.48 -22.47 -2.51
N LYS A 34 -8.14 -21.34 -2.72
CA LYS A 34 -9.50 -21.49 -3.26
C LYS A 34 -9.51 -20.95 -4.67
N LYS A 35 -9.64 -21.85 -5.61
CA LYS A 35 -9.64 -21.59 -7.03
C LYS A 35 -11.02 -21.15 -7.55
N ILE A 36 -11.02 -20.01 -8.18
CA ILE A 36 -12.25 -19.48 -8.82
C ILE A 36 -11.99 -19.50 -10.30
N ARG A 37 -12.69 -20.29 -11.09
CA ARG A 37 -12.41 -20.33 -12.54
C ARG A 37 -13.17 -19.18 -13.20
N LEU A 38 -12.44 -18.58 -14.11
CA LEU A 38 -12.87 -17.45 -14.92
C LEU A 38 -13.16 -17.99 -16.30
N ASP A 39 -12.32 -17.70 -17.25
CA ASP A 39 -12.43 -18.01 -18.67
C ASP A 39 -12.28 -16.66 -19.41
N THR A 40 -13.22 -16.39 -20.28
CA THR A 40 -13.43 -15.26 -21.12
C THR A 40 -14.65 -15.67 -21.98
N GLU A 41 -15.35 -14.67 -22.52
CA GLU A 41 -16.58 -14.93 -23.24
C GLU A 41 -17.43 -15.73 -22.25
N THR A 42 -17.67 -15.02 -21.16
CA THR A 42 -18.38 -15.52 -19.98
C THR A 42 -18.65 -14.20 -19.22
N GLU A 43 -18.77 -14.22 -17.90
CA GLU A 43 -19.08 -12.94 -17.27
C GLU A 43 -17.90 -12.24 -16.63
N GLY A 44 -16.66 -12.65 -16.89
CA GLY A 44 -15.51 -12.04 -16.24
C GLY A 44 -15.35 -12.51 -14.81
N VAL A 45 -14.89 -11.66 -13.89
CA VAL A 45 -14.84 -12.18 -12.47
C VAL A 45 -16.22 -12.32 -11.83
N PRO A 46 -16.53 -13.48 -11.26
CA PRO A 46 -17.81 -13.84 -10.67
C PRO A 46 -18.22 -12.84 -9.60
N SER A 47 -19.43 -12.29 -9.60
CA SER A 47 -19.71 -11.34 -8.55
C SER A 47 -19.53 -11.95 -7.15
N THR A 48 -19.80 -13.26 -6.95
CA THR A 48 -19.51 -13.76 -5.62
C THR A 48 -18.04 -13.59 -5.21
N ALA A 49 -17.05 -13.74 -6.06
CA ALA A 49 -15.63 -13.58 -5.79
C ALA A 49 -15.20 -12.15 -5.54
N ILE A 50 -15.73 -11.19 -6.32
CA ILE A 50 -15.54 -9.76 -6.16
C ILE A 50 -16.02 -9.37 -4.78
N ARG A 51 -17.20 -9.76 -4.30
CA ARG A 51 -17.63 -9.53 -2.91
C ARG A 51 -16.79 -10.25 -1.87
N GLU A 52 -16.49 -11.54 -2.00
CA GLU A 52 -15.73 -12.29 -1.03
C GLU A 52 -14.38 -11.60 -0.72
N ILE A 53 -13.70 -11.32 -1.85
CA ILE A 53 -12.38 -10.69 -1.70
C ILE A 53 -12.53 -9.27 -1.16
N SER A 54 -13.37 -8.40 -1.73
CA SER A 54 -13.41 -7.07 -1.12
C SER A 54 -14.01 -7.16 0.28
N LEU A 55 -14.96 -8.01 0.60
CA LEU A 55 -15.43 -7.92 2.03
C LEU A 55 -14.37 -8.41 2.96
N LEU A 56 -13.65 -9.47 2.67
CA LEU A 56 -12.60 -10.06 3.48
C LEU A 56 -11.47 -9.07 3.71
N LYS A 57 -11.09 -8.30 2.66
CA LYS A 57 -10.07 -7.28 2.86
C LYS A 57 -10.52 -6.32 3.97
N GLU A 58 -11.77 -6.02 4.20
CA GLU A 58 -12.10 -5.15 5.31
C GLU A 58 -12.44 -5.88 6.63
N LEU A 59 -12.17 -7.15 6.79
CA LEU A 59 -12.63 -7.86 7.99
C LEU A 59 -11.37 -8.50 8.64
N ASN A 60 -10.64 -7.65 9.36
CA ASN A 60 -9.42 -8.04 10.03
C ASN A 60 -9.84 -8.27 11.49
N HIS A 61 -9.95 -9.52 11.92
CA HIS A 61 -10.44 -9.83 13.26
C HIS A 61 -9.94 -11.22 13.57
N PRO A 62 -9.56 -11.50 14.83
CA PRO A 62 -9.15 -12.84 15.20
C PRO A 62 -10.16 -13.94 14.85
N ASN A 63 -11.46 -13.64 14.78
CA ASN A 63 -12.47 -14.65 14.51
C ASN A 63 -13.01 -14.65 13.07
N ILE A 64 -12.22 -14.17 12.15
CA ILE A 64 -12.61 -14.10 10.75
C ILE A 64 -11.41 -14.61 9.95
N VAL A 65 -11.60 -15.68 9.18
CA VAL A 65 -10.44 -16.20 8.46
C VAL A 65 -9.69 -15.07 7.80
N LYS A 66 -8.39 -15.29 7.69
CA LYS A 66 -7.52 -14.29 7.04
C LYS A 66 -7.24 -14.65 5.61
N LEU A 67 -7.50 -13.63 4.72
CA LEU A 67 -7.19 -13.76 3.32
C LEU A 67 -5.70 -13.39 3.21
N LEU A 68 -4.80 -14.19 2.74
CA LEU A 68 -3.42 -13.78 2.69
C LEU A 68 -3.06 -13.14 1.36
N ASP A 69 -3.70 -13.52 0.26
CA ASP A 69 -3.23 -13.05 -1.02
C ASP A 69 -4.27 -13.40 -2.05
N VAL A 70 -4.24 -12.79 -3.21
CA VAL A 70 -5.18 -13.01 -4.26
C VAL A 70 -4.33 -13.13 -5.52
N ILE A 71 -4.35 -14.27 -6.16
CA ILE A 71 -3.46 -14.39 -7.33
C ILE A 71 -4.41 -14.32 -8.51
N HIS A 72 -4.41 -13.13 -9.13
CA HIS A 72 -5.34 -12.82 -10.20
C HIS A 72 -4.62 -12.88 -11.53
N THR A 73 -4.75 -14.07 -12.08
CA THR A 73 -4.11 -14.32 -13.40
C THR A 73 -5.09 -13.97 -14.50
N GLU A 74 -4.66 -14.33 -15.72
CA GLU A 74 -5.47 -14.08 -16.91
C GLU A 74 -6.47 -15.22 -17.05
N ASN A 75 -6.11 -16.44 -16.67
CA ASN A 75 -6.98 -17.60 -16.71
C ASN A 75 -7.75 -17.96 -15.44
N LYS A 76 -7.09 -17.80 -14.29
CA LYS A 76 -7.70 -18.20 -13.04
C LYS A 76 -7.49 -17.16 -11.95
N LEU A 77 -8.32 -17.29 -10.94
CA LEU A 77 -8.26 -16.45 -9.76
C LEU A 77 -8.08 -17.37 -8.55
N TYR A 78 -7.06 -17.18 -7.74
CA TYR A 78 -6.89 -17.97 -6.56
C TYR A 78 -6.97 -17.14 -5.31
N LEU A 79 -7.81 -17.52 -4.36
CA LEU A 79 -7.86 -16.92 -3.06
C LEU A 79 -6.89 -17.73 -2.16
N VAL A 80 -5.93 -17.03 -1.51
CA VAL A 80 -4.96 -17.66 -0.64
C VAL A 80 -5.32 -17.32 0.79
N PHE A 81 -5.63 -18.36 1.59
CA PHE A 81 -6.02 -18.14 2.99
C PHE A 81 -5.12 -18.78 4.00
N GLU A 82 -5.15 -18.41 5.27
CA GLU A 82 -4.49 -19.18 6.30
C GLU A 82 -5.24 -20.52 6.36
N PHE A 83 -4.55 -21.61 6.61
CA PHE A 83 -5.11 -22.97 6.68
C PHE A 83 -5.48 -23.26 8.14
N LEU A 84 -6.70 -23.74 8.46
CA LEU A 84 -6.97 -24.07 9.86
C LEU A 84 -7.22 -25.58 9.88
N HIS A 85 -6.88 -26.26 10.98
CA HIS A 85 -7.15 -27.68 11.08
C HIS A 85 -8.40 -28.18 10.35
N GLN A 86 -9.64 -27.79 10.77
CA GLN A 86 -10.79 -28.28 9.98
C GLN A 86 -12.00 -27.39 10.22
N ASP A 87 -13.10 -27.68 9.49
CA ASP A 87 -14.33 -26.92 9.68
C ASP A 87 -15.05 -27.59 10.82
N LEU A 88 -15.94 -26.89 11.45
CA LEU A 88 -16.76 -27.24 12.58
C LEU A 88 -17.67 -28.44 12.26
N LYS A 89 -18.03 -28.67 10.99
CA LYS A 89 -18.87 -29.80 10.69
C LYS A 89 -18.10 -31.12 10.84
N LYS A 90 -16.86 -31.08 10.37
CA LYS A 90 -15.96 -32.25 10.47
C LYS A 90 -15.64 -32.45 11.97
N PHE A 91 -15.40 -31.41 12.75
CA PHE A 91 -15.13 -31.58 14.17
C PHE A 91 -16.36 -32.17 14.89
N MET A 92 -17.55 -31.68 14.50
CA MET A 92 -18.78 -32.16 15.07
C MET A 92 -18.88 -33.66 14.74
N ASP A 93 -18.82 -34.06 13.46
CA ASP A 93 -18.92 -35.44 13.03
C ASP A 93 -17.95 -36.33 13.82
N ALA A 94 -16.72 -35.94 14.03
CA ALA A 94 -15.74 -36.68 14.80
C ALA A 94 -16.10 -36.75 16.28
N SER A 95 -16.82 -35.83 16.86
CA SER A 95 -17.28 -35.79 18.23
C SER A 95 -18.72 -36.28 18.41
N ALA A 96 -19.37 -36.97 17.49
CA ALA A 96 -20.76 -37.37 17.75
C ALA A 96 -20.89 -38.37 18.89
N LEU A 97 -19.90 -39.20 19.17
CA LEU A 97 -19.95 -40.13 20.29
C LEU A 97 -19.75 -39.37 21.58
N THR A 98 -18.65 -38.67 21.76
CA THR A 98 -18.38 -37.87 22.94
C THR A 98 -19.30 -36.68 23.18
N GLY A 99 -19.45 -35.91 22.10
CA GLY A 99 -20.17 -34.63 22.19
C GLY A 99 -19.03 -33.60 22.35
N ILE A 100 -19.23 -32.33 22.09
CA ILE A 100 -18.24 -31.29 22.33
C ILE A 100 -18.36 -30.86 23.79
N PRO A 101 -17.28 -30.83 24.54
CA PRO A 101 -17.31 -30.46 25.95
C PRO A 101 -18.01 -29.12 26.19
N LEU A 102 -18.78 -29.00 27.27
CA LEU A 102 -19.49 -27.75 27.54
C LEU A 102 -18.70 -26.47 27.45
N PRO A 103 -17.52 -26.35 28.06
CA PRO A 103 -16.75 -25.14 28.04
C PRO A 103 -16.32 -24.76 26.61
N LEU A 104 -16.11 -25.75 25.74
CA LEU A 104 -15.63 -25.45 24.38
C LEU A 104 -16.78 -25.00 23.51
N ILE A 105 -18.00 -25.54 23.79
CA ILE A 105 -19.20 -25.05 23.16
C ILE A 105 -19.31 -23.55 23.53
N LYS A 106 -19.23 -23.23 24.82
CA LYS A 106 -19.40 -21.81 25.17
C LYS A 106 -18.31 -20.94 24.55
N SER A 107 -17.08 -21.42 24.48
CA SER A 107 -15.97 -20.68 23.92
C SER A 107 -16.20 -20.46 22.40
N TYR A 108 -16.57 -21.43 21.64
CA TYR A 108 -16.90 -21.39 20.25
C TYR A 108 -18.03 -20.39 20.00
N LEU A 109 -19.08 -20.42 20.84
CA LEU A 109 -20.13 -19.46 20.54
C LEU A 109 -19.68 -18.01 20.80
N PHE A 110 -18.98 -17.77 21.93
CA PHE A 110 -18.51 -16.45 22.26
C PHE A 110 -17.64 -15.89 21.11
N GLN A 111 -16.72 -16.66 20.55
CA GLN A 111 -15.85 -16.26 19.47
C GLN A 111 -16.66 -16.07 18.17
N LEU A 112 -17.65 -16.90 17.88
CA LEU A 112 -18.47 -16.75 16.71
C LEU A 112 -19.22 -15.42 16.88
N LEU A 113 -19.74 -15.12 18.05
CA LEU A 113 -20.40 -13.85 18.24
C LEU A 113 -19.50 -12.65 18.09
N GLN A 114 -18.21 -12.79 18.48
CA GLN A 114 -17.29 -11.65 18.35
C GLN A 114 -16.91 -11.40 16.88
N GLY A 115 -16.73 -12.45 16.08
CA GLY A 115 -16.46 -12.23 14.67
C GLY A 115 -17.73 -11.74 13.95
N LEU A 116 -18.91 -12.32 14.35
CA LEU A 116 -20.15 -11.79 13.75
C LEU A 116 -20.41 -10.34 14.12
N ALA A 117 -20.25 -9.97 15.39
CA ALA A 117 -20.49 -8.56 15.76
C ALA A 117 -19.49 -7.67 15.04
N PHE A 118 -18.25 -8.09 14.74
CA PHE A 118 -17.31 -7.25 14.00
C PHE A 118 -17.86 -7.10 12.55
N CYS A 119 -18.37 -8.16 11.91
CA CYS A 119 -18.93 -8.09 10.60
C CYS A 119 -20.06 -7.04 10.55
N HIS A 120 -20.97 -7.17 11.52
CA HIS A 120 -22.14 -6.28 11.45
C HIS A 120 -21.78 -4.81 11.65
N SER A 121 -20.81 -4.51 12.49
CA SER A 121 -20.25 -3.23 12.77
C SER A 121 -19.44 -2.69 11.60
N HIS A 122 -19.11 -3.53 10.64
CA HIS A 122 -18.47 -3.12 9.43
C HIS A 122 -19.47 -3.27 8.28
N ARG A 123 -20.73 -3.21 8.56
CA ARG A 123 -21.83 -3.23 7.60
C ARG A 123 -21.65 -4.40 6.65
N VAL A 124 -21.35 -5.60 7.21
CA VAL A 124 -21.32 -6.79 6.34
C VAL A 124 -22.25 -7.88 6.87
N LEU A 125 -23.18 -8.39 6.13
CA LEU A 125 -24.03 -9.52 6.36
C LEU A 125 -23.25 -10.76 5.87
N HIS A 126 -23.18 -11.79 6.66
CA HIS A 126 -22.55 -13.03 6.22
C HIS A 126 -23.46 -13.85 5.31
N ARG A 127 -24.61 -14.25 5.86
CA ARG A 127 -25.67 -14.92 5.10
C ARG A 127 -25.40 -16.34 4.64
N ASP A 128 -24.45 -17.04 5.22
CA ASP A 128 -24.27 -18.44 4.91
C ASP A 128 -23.62 -19.14 6.10
N LEU A 129 -24.04 -18.81 7.33
CA LEU A 129 -23.42 -19.37 8.48
C LEU A 129 -23.96 -20.78 8.65
N LYS A 130 -23.03 -21.75 8.66
CA LYS A 130 -23.35 -23.14 8.91
C LYS A 130 -22.04 -23.71 9.42
N PRO A 131 -22.05 -24.90 10.00
CA PRO A 131 -20.84 -25.52 10.57
C PRO A 131 -19.73 -25.71 9.60
N GLN A 132 -19.94 -26.06 8.32
CA GLN A 132 -18.88 -26.31 7.37
C GLN A 132 -18.20 -25.00 6.92
N ASN A 133 -18.79 -23.83 7.14
CA ASN A 133 -18.26 -22.55 6.80
C ASN A 133 -17.55 -21.94 8.04
N LEU A 134 -17.39 -22.67 9.14
CA LEU A 134 -16.74 -22.13 10.36
C LEU A 134 -15.49 -22.95 10.57
N LEU A 135 -14.38 -22.41 10.96
CA LEU A 135 -13.08 -23.08 10.92
C LEU A 135 -12.45 -23.05 12.32
N ILE A 136 -11.92 -24.21 12.68
CA ILE A 136 -11.27 -24.33 13.98
C ILE A 136 -9.78 -24.73 13.78
N ASN A 137 -9.01 -24.24 14.75
CA ASN A 137 -7.59 -24.54 14.78
C ASN A 137 -7.31 -25.44 15.98
N THR A 138 -6.04 -25.86 16.15
CA THR A 138 -5.73 -26.84 17.21
C THR A 138 -5.65 -26.20 18.57
N GLU A 139 -5.61 -24.90 18.67
CA GLU A 139 -5.49 -24.22 19.96
C GLU A 139 -6.77 -23.70 20.53
N GLY A 140 -7.94 -23.90 19.99
CA GLY A 140 -9.17 -23.44 20.58
C GLY A 140 -9.81 -22.27 19.88
N ALA A 141 -9.25 -21.84 18.74
CA ALA A 141 -9.95 -20.71 18.10
C ALA A 141 -11.04 -21.22 17.13
N ILE A 142 -12.04 -20.35 16.87
CA ILE A 142 -12.95 -20.78 15.78
C ILE A 142 -13.13 -19.49 14.96
N LYS A 143 -13.22 -19.65 13.66
CA LYS A 143 -13.35 -18.47 12.80
C LYS A 143 -14.48 -18.52 11.77
N LEU A 144 -15.06 -17.36 11.40
CA LEU A 144 -16.00 -17.31 10.31
C LEU A 144 -15.18 -17.52 9.02
N ALA A 145 -15.78 -18.19 8.05
CA ALA A 145 -15.23 -18.33 6.75
C ALA A 145 -16.34 -18.37 5.71
N ASP A 146 -15.97 -18.64 4.47
CA ASP A 146 -16.88 -18.66 3.34
C ASP A 146 -17.78 -17.42 3.27
N PHE A 147 -17.16 -16.33 2.79
CA PHE A 147 -17.77 -15.03 2.61
C PHE A 147 -18.29 -14.92 1.16
N GLY A 148 -18.55 -16.09 0.57
CA GLY A 148 -19.09 -16.23 -0.78
C GLY A 148 -20.58 -15.83 -0.77
N LEU A 149 -21.24 -15.52 0.35
CA LEU A 149 -22.67 -15.13 0.06
C LEU A 149 -22.84 -13.77 0.67
N ALA A 150 -21.77 -13.18 1.14
CA ALA A 150 -21.88 -11.98 1.93
C ALA A 150 -22.15 -10.74 1.06
N ARG A 151 -22.47 -9.65 1.80
CA ARG A 151 -22.78 -8.41 1.21
C ARG A 151 -22.74 -7.23 2.18
N ALA A 152 -22.25 -6.12 1.59
CA ALA A 152 -22.12 -4.86 2.31
C ALA A 152 -23.54 -4.33 2.39
N PHE A 153 -24.07 -3.99 3.52
CA PHE A 153 -25.46 -3.56 3.62
C PHE A 153 -25.48 -2.07 4.00
N GLY A 154 -26.66 -1.47 3.82
CA GLY A 154 -26.76 -0.02 3.95
C GLY A 154 -27.58 0.34 5.16
N VAL A 155 -27.54 1.51 5.70
CA VAL A 155 -28.42 1.86 6.85
C VAL A 155 -29.49 2.76 6.22
N PRO A 156 -30.72 2.55 6.54
CA PRO A 156 -31.51 1.37 6.51
C PRO A 156 -31.34 0.47 5.32
N VAL A 157 -31.59 -0.82 5.45
CA VAL A 157 -31.34 -1.73 4.32
C VAL A 157 -32.32 -1.57 3.19
N ARG A 158 -31.96 -1.98 1.98
CA ARG A 158 -32.94 -2.03 0.90
C ARG A 158 -33.35 -3.55 0.77
N THR A 159 -34.11 -3.95 -0.22
CA THR A 159 -34.34 -5.38 -0.49
C THR A 159 -33.11 -6.07 -1.02
N TYR A 160 -32.73 -7.26 -0.60
CA TYR A 160 -31.53 -7.90 -1.10
C TYR A 160 -31.84 -9.27 -1.72
N TPO A 161 -30.91 -10.11 -2.06
CA TPO A 161 -31.19 -11.37 -2.73
CB TPO A 161 -29.90 -12.09 -3.08
CG2 TPO A 161 -29.97 -13.35 -3.88
OG1 TPO A 161 -28.97 -11.13 -3.76
P TPO A 161 -27.72 -10.38 -3.39
O1P TPO A 161 -26.76 -11.41 -3.03
O2P TPO A 161 -28.17 -9.56 -2.24
O3P TPO A 161 -27.22 -9.56 -4.50
C TPO A 161 -32.04 -12.27 -1.81
O TPO A 161 -31.81 -12.33 -0.57
N HIS A 162 -33.05 -12.90 -2.39
CA HIS A 162 -34.00 -13.72 -1.59
C HIS A 162 -33.38 -15.09 -1.31
N GLU A 163 -32.60 -15.63 -2.25
CA GLU A 163 -32.05 -16.97 -2.07
C GLU A 163 -30.72 -16.93 -1.28
N VAL A 164 -30.81 -16.84 0.03
CA VAL A 164 -29.57 -16.66 0.82
C VAL A 164 -29.72 -17.62 1.98
N VAL A 165 -28.64 -18.12 2.59
CA VAL A 165 -28.52 -18.98 3.69
C VAL A 165 -28.93 -20.42 3.34
N THR A 166 -28.13 -21.38 3.66
CA THR A 166 -28.36 -22.82 3.47
C THR A 166 -29.62 -23.15 4.27
N LEU A 167 -30.56 -23.83 3.62
CA LEU A 167 -31.87 -24.12 4.16
C LEU A 167 -32.00 -24.35 5.64
N TRP A 168 -31.29 -25.24 6.28
CA TRP A 168 -31.41 -25.54 7.69
C TRP A 168 -31.14 -24.38 8.63
N TYR A 169 -30.32 -23.41 8.22
CA TYR A 169 -29.89 -22.27 9.05
C TYR A 169 -30.64 -21.04 8.58
N ARG A 170 -31.62 -21.11 7.67
CA ARG A 170 -32.34 -19.92 7.17
C ARG A 170 -33.41 -19.36 8.09
N ALA A 171 -33.36 -18.05 8.37
CA ALA A 171 -34.30 -17.34 9.18
C ALA A 171 -35.76 -17.36 8.63
N PRO A 172 -36.74 -17.25 9.52
CA PRO A 172 -38.12 -17.41 9.12
C PRO A 172 -38.54 -16.17 8.38
N GLU A 173 -37.89 -15.01 8.52
CA GLU A 173 -38.33 -13.85 7.74
C GLU A 173 -37.90 -14.03 6.28
N ILE A 174 -36.88 -14.90 6.04
CA ILE A 174 -36.59 -15.17 4.65
C ILE A 174 -37.57 -16.16 4.04
N LEU A 175 -37.90 -17.19 4.80
CA LEU A 175 -38.77 -18.27 4.40
C LEU A 175 -40.16 -17.72 4.13
N LEU A 176 -40.63 -16.72 4.87
CA LEU A 176 -41.91 -16.06 4.71
C LEU A 176 -41.93 -14.98 3.64
N GLY A 177 -40.76 -14.76 2.97
CA GLY A 177 -40.58 -13.79 1.93
C GLY A 177 -40.56 -12.32 2.31
N CYS A 178 -40.18 -11.80 3.43
CA CYS A 178 -40.16 -10.45 3.86
C CYS A 178 -39.35 -9.66 2.83
N LYS A 179 -39.92 -8.48 2.68
CA LYS A 179 -39.25 -7.56 1.74
C LYS A 179 -37.86 -7.23 2.30
N TYR A 180 -37.73 -7.00 3.61
CA TYR A 180 -36.46 -6.66 4.16
C TYR A 180 -35.93 -7.70 5.14
N TYR A 181 -34.63 -7.95 5.04
CA TYR A 181 -33.96 -8.68 6.11
C TYR A 181 -32.59 -7.96 6.35
N SER A 182 -32.03 -8.27 7.53
CA SER A 182 -30.79 -7.69 7.92
C SER A 182 -29.97 -8.60 8.83
N THR A 183 -29.24 -8.01 9.78
CA THR A 183 -28.32 -8.73 10.62
C THR A 183 -28.90 -9.88 11.45
N ALA A 184 -30.17 -9.75 11.81
CA ALA A 184 -30.89 -10.82 12.51
C ALA A 184 -30.85 -12.14 11.74
N VAL A 185 -30.67 -12.18 10.40
CA VAL A 185 -30.61 -13.46 9.78
C VAL A 185 -29.31 -14.16 10.19
N ASP A 186 -28.22 -13.47 10.42
CA ASP A 186 -27.00 -14.23 10.83
C ASP A 186 -27.21 -14.69 12.22
N ILE A 187 -27.83 -13.89 13.10
CA ILE A 187 -28.05 -14.36 14.48
C ILE A 187 -28.82 -15.68 14.60
N TRP A 188 -29.88 -15.86 13.85
CA TRP A 188 -30.73 -17.00 13.67
C TRP A 188 -29.81 -18.18 13.28
N SER A 189 -28.98 -18.03 12.26
CA SER A 189 -28.04 -19.07 11.87
C SER A 189 -27.18 -19.50 13.05
N LEU A 190 -26.52 -18.64 13.79
CA LEU A 190 -25.78 -18.91 14.97
C LEU A 190 -26.57 -19.55 16.12
N GLY A 191 -27.83 -19.23 16.33
CA GLY A 191 -28.69 -19.88 17.30
C GLY A 191 -28.84 -21.38 16.92
N CYS A 192 -28.97 -21.59 15.58
CA CYS A 192 -29.13 -22.95 15.06
C CYS A 192 -27.86 -23.74 15.34
N ILE A 193 -26.72 -23.08 15.16
CA ILE A 193 -25.44 -23.77 15.29
C ILE A 193 -25.16 -24.04 16.73
N PHE A 194 -25.58 -23.16 17.63
CA PHE A 194 -25.32 -23.30 19.07
C PHE A 194 -26.06 -24.56 19.54
N ALA A 195 -27.34 -24.70 19.16
CA ALA A 195 -28.15 -25.86 19.46
C ALA A 195 -27.53 -27.14 18.93
N GLU A 196 -27.06 -27.08 17.69
CA GLU A 196 -26.49 -28.23 16.98
C GLU A 196 -25.21 -28.66 17.74
N MET A 197 -24.34 -27.74 18.16
CA MET A 197 -23.19 -28.08 18.96
C MET A 197 -23.67 -28.77 20.28
N VAL A 198 -24.76 -28.32 20.86
CA VAL A 198 -25.28 -28.89 22.08
C VAL A 198 -25.88 -30.30 22.00
N THR A 199 -26.77 -30.55 21.08
CA THR A 199 -27.51 -31.79 20.89
C THR A 199 -26.83 -32.74 19.91
N ARG A 200 -25.85 -32.24 19.13
CA ARG A 200 -25.16 -33.10 18.19
C ARG A 200 -25.99 -33.36 16.95
N ARG A 201 -27.03 -32.62 16.68
CA ARG A 201 -27.71 -32.75 15.40
C ARG A 201 -28.37 -31.44 15.00
N ALA A 202 -28.60 -31.24 13.72
CA ALA A 202 -29.20 -30.01 13.16
C ALA A 202 -30.45 -29.66 13.92
N LEU A 203 -30.72 -28.46 14.34
CA LEU A 203 -31.95 -28.16 15.05
C LEU A 203 -33.11 -28.23 14.08
N PHE A 204 -33.03 -27.69 12.84
CA PHE A 204 -34.23 -27.67 11.96
C PHE A 204 -33.89 -28.25 10.60
N PRO A 205 -33.77 -29.57 10.50
CA PRO A 205 -33.32 -30.19 9.26
C PRO A 205 -34.40 -30.24 8.22
N GLY A 206 -34.96 -29.13 7.69
CA GLY A 206 -35.99 -29.33 6.70
C GLY A 206 -35.54 -29.97 5.38
N ASP A 207 -36.55 -30.39 4.58
CA ASP A 207 -36.19 -30.88 3.25
C ASP A 207 -36.79 -30.08 2.14
N SER A 208 -37.42 -28.98 2.53
CA SER A 208 -37.91 -27.99 1.55
C SER A 208 -38.31 -26.79 2.39
N GLU A 209 -38.61 -25.71 1.74
CA GLU A 209 -38.97 -24.48 2.45
C GLU A 209 -40.21 -24.61 3.33
N ILE A 210 -41.26 -25.33 2.90
CA ILE A 210 -42.46 -25.38 3.77
C ILE A 210 -42.15 -26.30 4.90
N ASP A 211 -41.35 -27.34 4.56
CA ASP A 211 -40.96 -28.27 5.66
C ASP A 211 -40.09 -27.55 6.69
N GLN A 212 -39.24 -26.61 6.20
CA GLN A 212 -38.28 -25.97 7.09
C GLN A 212 -39.07 -25.09 8.02
N LEU A 213 -40.10 -24.44 7.42
CA LEU A 213 -40.93 -23.56 8.25
C LEU A 213 -41.68 -24.36 9.30
N PHE A 214 -42.33 -25.45 8.81
CA PHE A 214 -43.00 -26.32 9.76
C PHE A 214 -42.05 -26.84 10.83
N ARG A 215 -40.82 -27.30 10.59
CA ARG A 215 -39.97 -27.70 11.72
C ARG A 215 -39.81 -26.55 12.66
N ILE A 216 -39.55 -25.34 12.15
CA ILE A 216 -39.44 -24.22 13.12
C ILE A 216 -40.71 -24.04 13.91
N PHE A 217 -41.90 -24.07 13.28
CA PHE A 217 -43.19 -23.87 13.96
C PHE A 217 -43.46 -24.93 15.03
N ARG A 218 -43.03 -26.17 14.75
CA ARG A 218 -43.28 -27.22 15.72
C ARG A 218 -42.42 -27.06 16.95
N THR A 219 -41.26 -26.42 16.83
CA THR A 219 -40.44 -26.30 18.04
C THR A 219 -40.77 -25.05 18.82
N LEU A 220 -40.93 -23.95 18.09
CA LEU A 220 -41.06 -22.64 18.73
C LEU A 220 -42.48 -22.11 18.78
N GLY A 221 -43.41 -22.87 18.17
CA GLY A 221 -44.80 -22.41 18.22
C GLY A 221 -45.06 -21.65 16.92
N THR A 222 -46.21 -21.81 16.29
CA THR A 222 -46.54 -21.08 15.07
C THR A 222 -46.75 -19.63 15.47
N PRO A 223 -46.01 -18.72 14.90
CA PRO A 223 -46.09 -17.32 15.30
C PRO A 223 -47.41 -16.70 14.89
N ASP A 224 -47.84 -15.75 15.69
CA ASP A 224 -49.06 -14.99 15.38
C ASP A 224 -48.80 -13.49 15.59
N GLU A 225 -49.72 -12.57 15.38
CA GLU A 225 -49.55 -11.17 15.59
C GLU A 225 -49.06 -10.74 16.95
N VAL A 226 -49.30 -11.47 18.03
CA VAL A 226 -48.77 -11.06 19.31
C VAL A 226 -47.27 -11.32 19.34
N VAL A 227 -46.74 -12.45 18.89
CA VAL A 227 -45.30 -12.76 18.98
C VAL A 227 -44.55 -12.03 17.91
N TRP A 228 -45.17 -11.81 16.74
CA TRP A 228 -44.48 -11.11 15.66
C TRP A 228 -45.46 -10.30 14.87
N PRO A 229 -45.61 -9.01 15.23
CA PRO A 229 -46.56 -8.11 14.55
C PRO A 229 -46.25 -8.02 13.08
N GLY A 230 -47.21 -8.20 12.19
CA GLY A 230 -46.93 -8.15 10.73
C GLY A 230 -46.82 -9.56 10.14
N VAL A 231 -46.64 -10.63 10.97
CA VAL A 231 -46.40 -11.93 10.46
C VAL A 231 -47.42 -12.42 9.44
N THR A 232 -48.68 -12.19 9.85
CA THR A 232 -49.74 -12.74 9.01
C THR A 232 -49.91 -11.95 7.72
N SER A 233 -49.28 -10.81 7.53
CA SER A 233 -49.35 -10.13 6.23
C SER A 233 -48.12 -10.41 5.36
N MET A 234 -47.20 -11.28 5.80
CA MET A 234 -46.03 -11.57 4.98
C MET A 234 -46.34 -12.29 3.71
N PRO A 235 -45.62 -12.03 2.62
CA PRO A 235 -45.90 -12.61 1.37
C PRO A 235 -46.09 -14.09 1.39
N ASP A 236 -45.32 -14.94 2.08
CA ASP A 236 -45.55 -16.36 1.92
C ASP A 236 -46.25 -16.92 3.14
N TYR A 237 -46.80 -16.07 4.00
CA TYR A 237 -47.52 -16.58 5.15
C TYR A 237 -48.87 -17.19 4.71
N LYS A 238 -49.39 -18.27 5.29
CA LYS A 238 -50.75 -18.70 4.86
C LYS A 238 -51.57 -18.85 6.12
N PRO A 239 -52.74 -18.23 6.25
CA PRO A 239 -53.53 -18.44 7.45
C PRO A 239 -53.91 -19.90 7.59
N SER A 240 -53.76 -20.86 6.69
CA SER A 240 -54.06 -22.26 6.98
C SER A 240 -52.90 -23.03 7.60
N PHE A 241 -51.78 -22.35 7.90
CA PHE A 241 -50.69 -23.05 8.55
C PHE A 241 -51.15 -23.65 9.85
N PRO A 242 -50.71 -24.87 10.13
CA PRO A 242 -51.08 -25.50 11.38
C PRO A 242 -50.55 -24.57 12.47
N LYS A 243 -51.28 -24.45 13.58
CA LYS A 243 -50.94 -23.65 14.73
C LYS A 243 -50.38 -24.57 15.80
N TRP A 244 -49.07 -24.71 15.89
CA TRP A 244 -48.54 -25.59 16.92
C TRP A 244 -48.15 -24.77 18.13
N ALA A 245 -48.10 -25.35 19.32
CA ALA A 245 -47.70 -24.68 20.53
C ALA A 245 -46.20 -24.77 20.75
N ARG A 246 -45.63 -23.78 21.42
CA ARG A 246 -44.18 -23.83 21.69
C ARG A 246 -43.77 -24.96 22.61
N GLN A 247 -42.66 -25.64 22.34
CA GLN A 247 -42.08 -26.70 23.12
C GLN A 247 -41.09 -26.11 24.13
N ASP A 248 -41.08 -26.70 25.29
CA ASP A 248 -40.19 -26.31 26.38
C ASP A 248 -38.76 -26.68 25.97
N PHE A 249 -37.87 -25.69 26.08
CA PHE A 249 -36.46 -25.91 25.72
C PHE A 249 -35.80 -27.05 26.48
N SER A 250 -36.30 -27.46 27.64
CA SER A 250 -35.73 -28.64 28.29
C SER A 250 -35.90 -29.84 27.37
N LYS A 251 -36.95 -29.90 26.55
CA LYS A 251 -37.07 -30.96 25.56
C LYS A 251 -36.23 -30.60 24.33
N VAL A 252 -36.28 -29.39 23.83
CA VAL A 252 -35.52 -28.94 22.69
C VAL A 252 -34.00 -29.01 22.76
N VAL A 253 -33.41 -28.53 23.86
CA VAL A 253 -31.98 -28.65 24.04
C VAL A 253 -31.71 -29.06 25.50
N PRO A 254 -31.93 -30.35 25.78
CA PRO A 254 -31.83 -30.91 27.12
C PRO A 254 -30.57 -30.68 27.89
N PRO A 255 -29.40 -30.79 27.31
CA PRO A 255 -28.19 -30.57 28.06
C PRO A 255 -27.93 -29.12 28.41
N LEU A 256 -28.62 -28.11 27.90
CA LEU A 256 -28.31 -26.71 28.10
C LEU A 256 -28.78 -26.12 29.41
N ASP A 257 -27.97 -25.33 30.10
CA ASP A 257 -28.41 -24.74 31.36
C ASP A 257 -29.30 -23.55 31.13
N GLU A 258 -29.92 -23.08 32.21
CA GLU A 258 -30.83 -21.98 32.23
C GLU A 258 -30.30 -20.76 31.44
N ASP A 259 -29.13 -20.27 31.69
CA ASP A 259 -28.44 -19.22 31.01
C ASP A 259 -28.32 -19.55 29.52
N GLY A 260 -28.03 -20.79 29.16
CA GLY A 260 -27.85 -21.14 27.74
C GLY A 260 -29.23 -21.14 27.07
N ARG A 261 -30.25 -21.55 27.81
CA ARG A 261 -31.59 -21.58 27.26
C ARG A 261 -32.02 -20.14 27.01
N SER A 262 -31.67 -19.27 27.93
CA SER A 262 -32.11 -17.87 27.81
C SER A 262 -31.47 -17.27 26.54
N LEU A 263 -30.18 -17.50 26.39
CA LEU A 263 -29.50 -16.97 25.22
C LEU A 263 -30.06 -17.58 23.94
N LEU A 264 -30.26 -18.90 23.85
CA LEU A 264 -30.79 -19.54 22.66
C LEU A 264 -32.13 -18.93 22.33
N SER A 265 -33.05 -18.72 23.28
CA SER A 265 -34.36 -18.23 22.85
C SER A 265 -34.29 -16.79 22.36
N GLN A 266 -33.36 -15.99 22.82
CA GLN A 266 -33.22 -14.62 22.26
C GLN A 266 -32.59 -14.63 20.86
N MET A 267 -31.80 -15.62 20.49
CA MET A 267 -31.23 -15.82 19.15
C MET A 267 -32.30 -16.37 18.22
N LEU A 268 -33.33 -17.04 18.78
CA LEU A 268 -34.34 -17.64 17.90
C LEU A 268 -35.67 -16.92 18.02
N HIS A 269 -35.73 -15.69 18.53
CA HIS A 269 -36.91 -14.89 18.57
C HIS A 269 -37.51 -14.70 17.19
N TYR A 270 -38.81 -14.90 16.96
CA TYR A 270 -39.39 -14.81 15.65
C TYR A 270 -39.17 -13.47 14.99
N ASP A 271 -39.48 -12.40 15.70
CA ASP A 271 -39.43 -11.05 15.25
C ASP A 271 -37.99 -10.58 15.16
N PRO A 272 -37.47 -10.35 13.97
CA PRO A 272 -36.13 -9.87 13.72
C PRO A 272 -35.74 -8.56 14.44
N ASN A 273 -36.72 -7.70 14.69
CA ASN A 273 -36.43 -6.48 15.40
C ASN A 273 -36.21 -6.75 16.88
N LYS A 274 -36.61 -7.85 17.43
CA LYS A 274 -36.43 -8.20 18.81
C LYS A 274 -35.36 -9.24 18.94
N ARG A 275 -35.00 -10.00 17.97
CA ARG A 275 -33.96 -11.00 18.07
C ARG A 275 -32.74 -10.28 18.66
N ILE A 276 -31.94 -10.95 19.46
CA ILE A 276 -30.78 -10.33 20.06
C ILE A 276 -29.71 -10.02 19.02
N SER A 277 -28.92 -8.96 19.24
CA SER A 277 -27.83 -8.61 18.32
C SER A 277 -26.61 -9.37 18.76
N ALA A 278 -25.58 -9.43 17.92
CA ALA A 278 -24.39 -10.19 18.35
C ALA A 278 -23.67 -9.55 19.52
N LYS A 279 -23.63 -8.23 19.48
CA LYS A 279 -23.04 -7.41 20.53
C LYS A 279 -23.79 -7.52 21.83
N ALA A 280 -25.11 -7.48 21.89
CA ALA A 280 -25.77 -7.67 23.19
C ALA A 280 -25.56 -9.13 23.64
N ALA A 281 -25.55 -10.10 22.69
CA ALA A 281 -25.32 -11.50 23.01
C ALA A 281 -23.99 -11.74 23.74
N LEU A 282 -22.98 -10.93 23.46
CA LEU A 282 -21.67 -10.95 24.05
C LEU A 282 -21.75 -10.55 25.51
N ALA A 283 -22.76 -9.85 25.97
CA ALA A 283 -22.90 -9.46 27.36
C ALA A 283 -23.90 -10.38 28.11
N HIS A 284 -24.42 -11.46 27.49
CA HIS A 284 -25.37 -12.26 28.26
C HIS A 284 -24.65 -12.98 29.39
N PRO A 285 -25.29 -13.31 30.50
CA PRO A 285 -24.66 -14.03 31.62
C PRO A 285 -24.18 -15.42 31.26
N PHE A 286 -24.63 -16.12 30.23
CA PHE A 286 -24.05 -17.33 29.74
C PHE A 286 -22.53 -17.19 29.52
N PHE A 287 -21.98 -16.04 29.14
CA PHE A 287 -20.56 -15.89 28.98
C PHE A 287 -19.79 -15.41 30.18
N GLN A 288 -20.33 -15.14 31.37
CA GLN A 288 -19.50 -14.69 32.48
C GLN A 288 -18.29 -15.54 32.83
N ASP A 289 -18.25 -16.83 32.71
CA ASP A 289 -17.17 -17.74 32.99
C ASP A 289 -16.40 -18.34 31.83
N VAL A 290 -16.58 -17.84 30.61
CA VAL A 290 -16.03 -18.33 29.41
C VAL A 290 -14.52 -18.51 29.47
N THR A 291 -14.02 -19.59 28.87
CA THR A 291 -12.58 -19.82 28.86
C THR A 291 -12.26 -20.23 27.43
N LYS A 292 -11.01 -20.58 27.17
CA LYS A 292 -10.56 -20.98 25.85
C LYS A 292 -9.93 -22.36 25.86
N PRO A 293 -10.73 -23.41 25.96
CA PRO A 293 -10.19 -24.76 25.99
C PRO A 293 -9.59 -25.13 24.66
N VAL A 294 -8.74 -26.11 24.50
CA VAL A 294 -8.16 -26.61 23.27
C VAL A 294 -8.97 -27.82 22.82
N PRO A 295 -9.39 -27.94 21.56
CA PRO A 295 -10.16 -29.07 21.11
C PRO A 295 -9.35 -30.39 21.20
N HIS A 296 -10.08 -31.50 21.31
CA HIS A 296 -9.45 -32.81 21.33
C HIS A 296 -9.55 -33.22 19.85
N LEU A 297 -8.40 -33.14 19.20
CA LEU A 297 -8.38 -33.40 17.77
C LEU A 297 -7.92 -34.79 17.40
N VAL B 2 -33.71 -0.90 13.80
CA VAL B 2 -32.57 -1.68 14.30
C VAL B 2 -31.29 -0.88 14.38
N PRO B 3 -31.17 0.04 15.35
CA PRO B 3 -30.05 0.92 15.51
C PRO B 3 -28.79 0.41 16.16
N ASP B 4 -28.81 -0.81 16.63
CA ASP B 4 -27.69 -1.43 17.35
C ASP B 4 -26.27 -1.16 16.85
N TYR B 5 -26.09 -1.30 15.53
CA TYR B 5 -24.85 -1.18 14.83
C TYR B 5 -24.70 0.17 14.11
N HIS B 6 -25.80 0.89 13.97
CA HIS B 6 -25.76 2.15 13.28
C HIS B 6 -24.59 3.06 13.60
N GLU B 7 -24.34 3.45 14.84
CA GLU B 7 -23.24 4.36 15.15
C GLU B 7 -21.91 3.73 14.76
N ASP B 8 -21.73 2.45 14.98
CA ASP B 8 -20.43 1.88 14.61
C ASP B 8 -20.15 2.01 13.11
N ILE B 9 -21.21 1.69 12.33
CA ILE B 9 -21.15 1.69 10.87
C ILE B 9 -20.80 3.13 10.44
N HIS B 10 -21.53 4.09 10.99
CA HIS B 10 -21.30 5.51 10.66
C HIS B 10 -19.85 5.83 10.88
N THR B 11 -19.30 5.60 12.09
CA THR B 11 -17.87 5.81 12.29
C THR B 11 -16.97 5.15 11.28
N TYR B 12 -17.25 3.88 10.95
CA TYR B 12 -16.42 3.10 10.05
C TYR B 12 -16.47 3.73 8.65
N LEU B 13 -17.67 4.12 8.19
CA LEU B 13 -17.78 4.79 6.90
C LEU B 13 -16.99 6.10 6.92
N ARG B 14 -17.01 6.85 8.05
CA ARG B 14 -16.29 8.11 8.13
C ARG B 14 -14.79 7.89 7.89
N GLU B 15 -14.37 6.75 8.38
CA GLU B 15 -12.97 6.33 8.20
C GLU B 15 -12.73 5.76 6.82
N MET B 16 -13.61 4.99 6.19
CA MET B 16 -13.29 4.44 4.88
C MET B 16 -13.40 5.51 3.82
N GLU B 17 -14.28 6.51 3.95
CA GLU B 17 -14.34 7.56 2.92
C GLU B 17 -13.04 8.32 2.76
N VAL B 18 -12.28 8.59 3.78
CA VAL B 18 -11.03 9.29 3.81
C VAL B 18 -10.05 8.37 3.11
N LYS B 19 -10.08 7.06 3.20
CA LYS B 19 -9.18 6.14 2.57
C LYS B 19 -9.58 5.74 1.14
N CYS B 20 -10.80 5.78 0.69
CA CYS B 20 -11.29 5.47 -0.62
C CYS B 20 -11.40 6.72 -1.51
N LYS B 21 -10.98 7.84 -0.95
CA LYS B 21 -11.10 9.12 -1.63
C LYS B 21 -10.11 9.27 -2.77
N PRO B 22 -10.58 9.75 -3.93
CA PRO B 22 -9.78 10.05 -5.08
C PRO B 22 -8.75 11.13 -4.76
N LYS B 23 -7.65 11.30 -5.46
CA LYS B 23 -6.75 12.46 -5.20
C LYS B 23 -7.32 13.68 -5.92
N VAL B 24 -7.53 14.80 -5.19
CA VAL B 24 -8.21 15.99 -5.64
C VAL B 24 -7.80 16.65 -6.94
N GLY B 25 -6.53 16.83 -7.23
CA GLY B 25 -6.16 17.50 -8.47
C GLY B 25 -5.74 16.60 -9.58
N TYR B 26 -6.21 15.34 -9.60
CA TYR B 26 -5.75 14.40 -10.60
C TYR B 26 -5.96 14.80 -12.05
N MET B 27 -7.06 15.47 -12.36
CA MET B 27 -7.37 15.83 -13.75
C MET B 27 -6.30 16.71 -14.36
N LYS B 28 -5.77 17.64 -13.57
CA LYS B 28 -4.64 18.49 -13.86
C LYS B 28 -3.46 17.69 -14.35
N LYS B 29 -3.19 16.46 -13.97
CA LYS B 29 -2.16 15.60 -14.46
C LYS B 29 -2.64 14.69 -15.60
N GLN B 30 -3.90 14.76 -16.07
CA GLN B 30 -4.27 13.87 -17.19
C GLN B 30 -3.87 14.64 -18.44
N PRO B 31 -3.04 14.09 -19.31
CA PRO B 31 -2.63 14.82 -20.49
C PRO B 31 -3.79 14.88 -21.47
N ASP B 32 -4.70 13.91 -21.52
CA ASP B 32 -5.68 13.95 -22.60
C ASP B 32 -7.13 14.10 -22.22
N ILE B 33 -7.51 14.10 -20.95
CA ILE B 33 -8.97 14.13 -20.68
C ILE B 33 -9.24 15.30 -19.74
N THR B 34 -10.47 15.78 -19.84
CA THR B 34 -10.84 16.98 -19.06
C THR B 34 -11.98 16.70 -18.12
N ASN B 35 -12.32 17.64 -17.25
CA ASN B 35 -13.48 17.47 -16.36
C ASN B 35 -14.73 17.37 -17.21
N SER B 36 -14.72 18.07 -18.34
CA SER B 36 -15.86 18.06 -19.24
C SER B 36 -16.09 16.67 -19.84
N MET B 37 -15.00 16.02 -20.25
CA MET B 37 -15.20 14.66 -20.80
C MET B 37 -15.66 13.75 -19.67
N ARG B 38 -15.21 13.93 -18.44
CA ARG B 38 -15.65 13.15 -17.31
C ARG B 38 -17.14 13.39 -17.02
N ALA B 39 -17.56 14.64 -17.04
CA ALA B 39 -18.92 15.05 -16.93
C ALA B 39 -19.79 14.36 -18.00
N ILE B 40 -19.31 14.24 -19.25
CA ILE B 40 -20.14 13.62 -20.28
C ILE B 40 -20.24 12.11 -19.92
N LEU B 41 -19.09 11.53 -19.50
CA LEU B 41 -19.09 10.13 -19.09
C LEU B 41 -20.06 9.79 -17.95
N VAL B 42 -20.05 10.49 -16.81
CA VAL B 42 -20.92 10.28 -15.68
C VAL B 42 -22.39 10.48 -16.10
N ASP B 43 -22.68 11.44 -16.92
CA ASP B 43 -24.04 11.71 -17.43
C ASP B 43 -24.46 10.51 -18.23
N TRP B 44 -23.57 9.90 -19.03
CA TRP B 44 -23.88 8.70 -19.74
C TRP B 44 -24.19 7.49 -18.85
N LEU B 45 -23.51 7.37 -17.72
CA LEU B 45 -23.74 6.22 -16.78
C LEU B 45 -25.05 6.45 -16.06
N VAL B 46 -25.40 7.75 -15.82
CA VAL B 46 -26.74 8.06 -15.31
C VAL B 46 -27.77 7.43 -16.24
N GLU B 47 -27.68 7.61 -17.52
CA GLU B 47 -28.59 7.01 -18.50
C GLU B 47 -28.51 5.49 -18.59
N VAL B 48 -27.27 4.97 -18.57
CA VAL B 48 -27.15 3.50 -18.55
C VAL B 48 -27.88 2.93 -17.33
N GLY B 49 -27.70 3.61 -16.17
CA GLY B 49 -28.39 3.20 -14.97
C GLY B 49 -29.90 3.14 -15.20
N GLU B 50 -30.48 4.22 -15.75
CA GLU B 50 -31.86 4.27 -16.05
C GLU B 50 -32.28 3.18 -17.03
N GLU B 51 -31.59 2.97 -18.11
CA GLU B 51 -31.94 1.94 -19.06
C GLU B 51 -32.02 0.57 -18.39
N TYR B 52 -31.06 0.20 -17.56
CA TYR B 52 -31.03 -1.11 -16.93
C TYR B 52 -31.70 -1.07 -15.56
N LYS B 53 -32.33 0.01 -15.10
CA LYS B 53 -32.91 -0.04 -13.74
C LYS B 53 -31.90 -0.40 -12.64
N LEU B 54 -30.70 0.10 -12.65
CA LEU B 54 -29.71 -0.11 -11.59
C LEU B 54 -29.94 0.83 -10.40
N GLN B 55 -29.49 0.52 -9.21
CA GLN B 55 -29.64 1.32 -8.02
C GLN B 55 -28.89 2.61 -8.18
N ASN B 56 -29.25 3.69 -7.53
CA ASN B 56 -28.48 4.89 -7.45
C ASN B 56 -27.10 4.58 -6.82
N GLU B 57 -26.99 3.66 -5.93
CA GLU B 57 -25.84 3.29 -5.18
C GLU B 57 -24.85 2.70 -6.17
N THR B 58 -25.28 1.93 -7.14
CA THR B 58 -24.37 1.39 -8.14
C THR B 58 -23.68 2.44 -8.95
N LEU B 59 -24.46 3.49 -9.30
CA LEU B 59 -23.93 4.61 -10.03
C LEU B 59 -22.83 5.30 -9.18
N HIS B 60 -23.18 5.68 -7.96
CA HIS B 60 -22.19 6.35 -7.11
C HIS B 60 -20.98 5.43 -6.90
N LEU B 61 -21.07 4.12 -6.91
CA LEU B 61 -19.83 3.31 -6.72
C LEU B 61 -18.98 3.42 -7.93
N ALA B 62 -19.61 3.30 -9.13
CA ALA B 62 -18.93 3.31 -10.41
C ALA B 62 -18.17 4.64 -10.56
N VAL B 63 -18.79 5.70 -10.07
CA VAL B 63 -18.10 7.00 -10.12
C VAL B 63 -16.87 6.96 -9.23
N ASN B 64 -16.98 6.50 -8.02
CA ASN B 64 -15.88 6.39 -7.08
C ASN B 64 -14.78 5.54 -7.70
N TYR B 65 -15.12 4.43 -8.37
CA TYR B 65 -14.07 3.61 -8.99
C TYR B 65 -13.44 4.36 -10.16
N ILE B 66 -14.21 5.12 -10.99
CA ILE B 66 -13.60 5.82 -12.11
C ILE B 66 -12.63 6.84 -11.54
N ASP B 67 -13.00 7.66 -10.56
CA ASP B 67 -12.07 8.70 -10.04
C ASP B 67 -10.83 8.17 -9.29
N ARG B 68 -10.92 7.00 -8.71
CA ARG B 68 -9.77 6.36 -8.05
C ARG B 68 -8.87 5.79 -9.15
N PHE B 69 -9.43 5.15 -10.17
CA PHE B 69 -8.61 4.63 -11.25
C PHE B 69 -7.84 5.75 -11.98
N LEU B 70 -8.52 6.83 -12.38
CA LEU B 70 -7.94 7.99 -13.05
C LEU B 70 -6.95 8.77 -12.14
N SER B 71 -7.10 8.59 -10.81
CA SER B 71 -6.18 9.07 -9.81
C SER B 71 -4.83 8.41 -10.06
N SER B 72 -4.61 7.25 -10.50
CA SER B 72 -3.24 6.81 -10.69
C SER B 72 -2.96 6.34 -12.08
N MET B 73 -3.84 6.43 -13.04
CA MET B 73 -3.66 5.91 -14.39
C MET B 73 -4.01 6.96 -15.43
N SER B 74 -3.04 7.27 -16.24
CA SER B 74 -3.29 8.22 -17.31
C SER B 74 -4.06 7.51 -18.39
N VAL B 75 -5.15 8.08 -18.90
CA VAL B 75 -5.98 7.39 -19.90
C VAL B 75 -6.26 8.24 -21.13
N LEU B 76 -6.13 7.62 -22.29
CA LEU B 76 -6.41 8.51 -23.48
C LEU B 76 -7.92 8.62 -23.59
N ARG B 77 -8.41 9.71 -24.19
CA ARG B 77 -9.82 9.97 -24.36
C ARG B 77 -10.61 8.86 -25.05
N GLY B 78 -10.05 8.18 -26.01
CA GLY B 78 -10.75 7.12 -26.72
C GLY B 78 -11.01 5.92 -25.81
N LYS B 79 -10.32 5.86 -24.68
CA LYS B 79 -10.48 4.79 -23.73
C LYS B 79 -11.24 5.14 -22.47
N LEU B 80 -11.62 6.38 -22.27
CA LEU B 80 -12.33 6.76 -21.04
C LEU B 80 -13.65 6.02 -20.87
N GLN B 81 -14.41 5.82 -22.00
CA GLN B 81 -15.63 5.09 -21.86
C GLN B 81 -15.41 3.66 -21.49
N LEU B 82 -14.29 3.07 -21.89
CA LEU B 82 -13.93 1.70 -21.56
C LEU B 82 -13.67 1.63 -20.05
N VAL B 83 -13.07 2.62 -19.41
CA VAL B 83 -12.84 2.55 -17.96
C VAL B 83 -14.17 2.59 -17.25
N GLY B 84 -14.97 3.55 -17.67
CA GLY B 84 -16.36 3.79 -17.22
C GLY B 84 -17.26 2.59 -17.43
N THR B 85 -17.21 1.85 -18.48
CA THR B 85 -18.07 0.65 -18.66
C THR B 85 -17.53 -0.40 -17.73
N ALA B 86 -16.23 -0.61 -17.55
CA ALA B 86 -15.80 -1.72 -16.69
C ALA B 86 -16.15 -1.34 -15.24
N ALA B 87 -16.08 -0.06 -14.93
CA ALA B 87 -16.45 0.34 -13.59
C ALA B 87 -17.92 0.16 -13.30
N MET B 88 -18.82 0.42 -14.25
CA MET B 88 -20.24 0.21 -14.08
C MET B 88 -20.52 -1.27 -13.95
N LEU B 89 -19.76 -2.06 -14.74
CA LEU B 89 -19.97 -3.54 -14.57
C LEU B 89 -19.57 -4.02 -13.20
N LEU B 90 -18.49 -3.53 -12.62
CA LEU B 90 -17.94 -4.01 -11.39
C LEU B 90 -18.88 -3.49 -10.26
N ALA B 91 -19.27 -2.23 -10.45
CA ALA B 91 -20.24 -1.79 -9.43
C ALA B 91 -21.48 -2.60 -9.56
N SER B 92 -21.96 -2.96 -10.78
CA SER B 92 -23.17 -3.79 -10.83
C SER B 92 -22.99 -5.16 -10.13
N LYS B 93 -21.89 -5.84 -10.40
CA LYS B 93 -21.55 -7.07 -9.72
C LYS B 93 -21.42 -6.88 -8.20
N PHE B 94 -20.92 -5.72 -7.67
CA PHE B 94 -20.83 -5.71 -6.23
C PHE B 94 -22.24 -5.48 -5.65
N GLU B 95 -23.00 -4.58 -6.25
CA GLU B 95 -24.24 -4.12 -5.60
C GLU B 95 -25.55 -4.64 -6.06
N GLU B 96 -25.68 -5.11 -7.31
CA GLU B 96 -27.08 -5.38 -7.77
C GLU B 96 -27.43 -6.84 -7.49
N ILE B 97 -28.69 -7.13 -7.31
CA ILE B 97 -29.17 -8.49 -7.21
C ILE B 97 -29.02 -9.18 -8.56
N TYR B 98 -29.38 -8.51 -9.68
CA TYR B 98 -29.17 -9.00 -11.02
C TYR B 98 -28.44 -7.98 -11.92
N PRO B 99 -27.12 -8.08 -11.91
CA PRO B 99 -26.33 -7.18 -12.77
C PRO B 99 -26.52 -7.47 -14.22
N PRO B 100 -26.45 -6.51 -15.09
CA PRO B 100 -26.55 -6.75 -16.52
C PRO B 100 -25.43 -7.68 -16.93
N GLU B 101 -25.62 -8.40 -18.02
CA GLU B 101 -24.54 -9.27 -18.49
C GLU B 101 -23.52 -8.43 -19.28
N VAL B 102 -22.32 -9.03 -19.49
CA VAL B 102 -21.26 -8.33 -20.16
C VAL B 102 -21.60 -7.92 -21.59
N ALA B 103 -22.26 -8.84 -22.33
CA ALA B 103 -22.68 -8.56 -23.66
C ALA B 103 -23.64 -7.36 -23.68
N GLU B 104 -24.43 -7.15 -22.65
CA GLU B 104 -25.26 -5.93 -22.58
C GLU B 104 -24.38 -4.72 -22.40
N PHE B 105 -23.32 -4.86 -21.55
CA PHE B 105 -22.45 -3.66 -21.36
C PHE B 105 -21.82 -3.36 -22.73
N VAL B 106 -21.38 -4.38 -23.48
CA VAL B 106 -20.84 -4.15 -24.80
C VAL B 106 -21.85 -3.53 -25.73
N TYR B 107 -23.14 -4.00 -25.76
CA TYR B 107 -24.14 -3.35 -26.58
C TYR B 107 -24.36 -1.88 -26.22
N ILE B 108 -24.52 -1.53 -24.90
CA ILE B 108 -24.74 -0.14 -24.58
C ILE B 108 -23.52 0.67 -25.06
N THR B 109 -22.30 0.18 -25.21
CA THR B 109 -21.28 1.05 -25.83
C THR B 109 -21.41 1.06 -27.37
N ASP B 110 -22.42 0.40 -27.94
CA ASP B 110 -22.56 0.32 -29.38
C ASP B 110 -21.44 -0.37 -30.11
N ASP B 111 -20.83 -1.42 -29.59
CA ASP B 111 -19.66 -2.04 -30.19
C ASP B 111 -18.49 -1.03 -30.29
N THR B 112 -18.43 0.02 -29.47
CA THR B 112 -17.16 0.77 -29.49
C THR B 112 -16.01 -0.11 -28.99
N TYR B 113 -16.24 -1.04 -28.03
CA TYR B 113 -15.19 -1.94 -27.60
C TYR B 113 -15.62 -3.38 -27.79
N THR B 114 -14.77 -4.39 -27.82
CA THR B 114 -15.19 -5.76 -27.84
C THR B 114 -15.42 -6.19 -26.39
N LYS B 115 -16.00 -7.41 -26.24
CA LYS B 115 -16.24 -8.06 -24.99
C LYS B 115 -14.90 -8.29 -24.29
N LYS B 116 -13.92 -8.76 -25.06
CA LYS B 116 -12.59 -8.96 -24.55
C LYS B 116 -11.96 -7.67 -24.02
N GLN B 117 -12.12 -6.52 -24.68
CA GLN B 117 -11.62 -5.31 -24.02
C GLN B 117 -12.30 -5.05 -22.67
N VAL B 118 -13.65 -5.27 -22.60
CA VAL B 118 -14.30 -4.94 -21.37
C VAL B 118 -13.82 -5.82 -20.22
N LEU B 119 -13.64 -7.09 -20.49
CA LEU B 119 -13.20 -8.08 -19.56
C LEU B 119 -11.75 -7.85 -19.13
N ARG B 120 -10.91 -7.43 -20.08
CA ARG B 120 -9.55 -7.07 -19.63
C ARG B 120 -9.50 -5.76 -18.84
N MET B 121 -10.31 -4.80 -19.28
CA MET B 121 -10.33 -3.56 -18.44
C MET B 121 -10.89 -3.92 -17.09
N GLU B 122 -11.83 -4.86 -16.92
CA GLU B 122 -12.34 -5.19 -15.58
C GLU B 122 -11.21 -5.69 -14.67
N HIS B 123 -10.37 -6.57 -15.18
CA HIS B 123 -9.16 -7.06 -14.46
C HIS B 123 -8.21 -5.93 -14.21
N LEU B 124 -7.99 -4.96 -15.13
CA LEU B 124 -7.10 -3.87 -14.75
C LEU B 124 -7.74 -2.99 -13.67
N VAL B 125 -9.07 -2.71 -13.79
CA VAL B 125 -9.63 -1.90 -12.68
C VAL B 125 -9.51 -2.56 -11.35
N LEU B 126 -9.90 -3.84 -11.23
CA LEU B 126 -9.69 -4.58 -9.96
C LEU B 126 -8.23 -4.49 -9.51
N LYS B 127 -7.24 -4.63 -10.37
CA LYS B 127 -5.86 -4.53 -9.86
C LYS B 127 -5.53 -3.10 -9.42
N VAL B 128 -5.86 -2.10 -10.24
CA VAL B 128 -5.55 -0.71 -9.82
C VAL B 128 -6.25 -0.40 -8.51
N LEU B 129 -7.51 -0.84 -8.30
CA LEU B 129 -8.14 -0.58 -6.98
C LEU B 129 -7.76 -1.59 -5.94
N THR B 130 -6.85 -2.53 -6.22
CA THR B 130 -6.49 -3.61 -5.28
C THR B 130 -7.77 -4.27 -4.75
N PHE B 131 -8.78 -4.50 -5.62
CA PHE B 131 -10.04 -5.09 -5.20
C PHE B 131 -10.79 -4.31 -4.12
N ASP B 132 -10.45 -3.12 -3.66
CA ASP B 132 -11.11 -2.42 -2.57
C ASP B 132 -12.33 -1.69 -3.13
N LEU B 133 -13.45 -2.41 -3.16
CA LEU B 133 -14.63 -1.94 -3.82
C LEU B 133 -15.76 -1.48 -2.92
N ALA B 134 -15.67 -1.84 -1.64
CA ALA B 134 -16.73 -1.48 -0.73
C ALA B 134 -16.61 0.01 -0.35
N ALA B 135 -16.63 0.98 -1.29
CA ALA B 135 -16.53 2.34 -0.84
C ALA B 135 -17.77 3.05 -0.36
N PRO B 136 -17.62 3.99 0.55
CA PRO B 136 -18.65 4.83 1.14
C PRO B 136 -19.07 5.82 0.07
N THR B 137 -20.35 6.07 -0.13
CA THR B 137 -20.82 6.95 -1.20
C THR B 137 -21.66 8.06 -0.61
N VAL B 138 -22.00 9.06 -1.42
CA VAL B 138 -22.87 10.12 -0.85
C VAL B 138 -24.18 9.46 -0.40
N ASN B 139 -24.68 8.51 -1.19
CA ASN B 139 -25.90 7.80 -0.94
C ASN B 139 -25.95 7.06 0.39
N GLN B 140 -24.84 6.41 0.77
CA GLN B 140 -24.77 5.76 2.06
C GLN B 140 -24.92 6.75 3.19
N PHE B 141 -24.40 7.99 3.03
CA PHE B 141 -24.54 8.92 4.15
C PHE B 141 -25.95 9.53 4.08
N LEU B 142 -26.49 9.84 2.86
CA LEU B 142 -27.81 10.40 2.84
C LEU B 142 -28.84 9.57 3.60
N THR B 143 -28.90 8.31 3.27
CA THR B 143 -29.86 7.32 3.86
C THR B 143 -29.83 7.25 5.37
N GLN B 144 -28.72 7.40 6.01
CA GLN B 144 -28.53 7.50 7.44
C GLN B 144 -29.02 8.87 7.83
N TYR B 145 -28.60 9.92 7.11
CA TYR B 145 -29.14 11.28 7.48
C TYR B 145 -30.67 11.30 7.45
N PHE B 146 -31.29 10.68 6.41
CA PHE B 146 -32.71 10.55 6.28
C PHE B 146 -33.33 10.03 7.57
N LEU B 147 -32.69 9.18 8.41
CA LEU B 147 -33.39 8.74 9.60
C LEU B 147 -33.61 9.85 10.60
N HIS B 148 -32.88 10.98 10.55
CA HIS B 148 -33.15 12.07 11.48
C HIS B 148 -34.19 13.06 11.01
N GLN B 149 -35.00 12.79 9.98
CA GLN B 149 -35.97 13.81 9.57
C GLN B 149 -37.15 13.76 10.53
N GLN B 150 -37.61 14.95 10.95
CA GLN B 150 -38.83 15.07 11.74
C GLN B 150 -39.99 15.54 10.90
N PRO B 151 -41.06 14.76 10.85
CA PRO B 151 -41.23 13.43 10.38
C PRO B 151 -40.66 13.23 8.97
N ALA B 152 -40.71 11.99 8.50
CA ALA B 152 -40.15 11.65 7.20
C ALA B 152 -40.83 12.45 6.09
N ASN B 153 -40.04 13.02 5.17
CA ASN B 153 -40.73 13.73 4.05
C ASN B 153 -40.15 13.12 2.78
N CYS B 154 -40.93 12.53 1.94
CA CYS B 154 -40.61 11.90 0.69
C CYS B 154 -39.93 12.83 -0.31
N LYS B 155 -40.43 14.06 -0.36
CA LYS B 155 -39.94 15.08 -1.29
C LYS B 155 -38.54 15.50 -0.88
N VAL B 156 -38.31 15.75 0.41
CA VAL B 156 -36.95 16.09 0.89
C VAL B 156 -35.89 15.03 0.54
N GLU B 157 -36.29 13.75 0.60
CA GLU B 157 -35.42 12.65 0.31
C GLU B 157 -35.03 12.53 -1.16
N SER B 158 -36.04 12.59 -2.02
CA SER B 158 -35.79 12.58 -3.45
C SER B 158 -34.91 13.76 -3.89
N LEU B 159 -35.22 14.94 -3.31
CA LEU B 159 -34.45 16.11 -3.69
C LEU B 159 -33.04 15.98 -3.11
N ALA B 160 -32.85 15.44 -1.93
CA ALA B 160 -31.46 15.37 -1.40
C ALA B 160 -30.66 14.43 -2.30
N MET B 161 -31.33 13.35 -2.77
CA MET B 161 -30.75 12.44 -3.73
C MET B 161 -30.39 13.06 -5.09
N PHE B 162 -31.34 13.79 -5.69
CA PHE B 162 -31.11 14.52 -6.93
C PHE B 162 -29.89 15.44 -6.76
N LEU B 163 -29.78 16.14 -5.62
CA LEU B 163 -28.58 17.03 -5.45
C LEU B 163 -27.29 16.28 -5.33
N GLY B 164 -27.37 15.12 -4.59
CA GLY B 164 -26.13 14.38 -4.37
C GLY B 164 -25.69 13.81 -5.70
N GLU B 165 -26.66 13.49 -6.54
CA GLU B 165 -26.30 12.95 -7.84
C GLU B 165 -25.70 14.04 -8.74
N LEU B 166 -26.21 15.28 -8.67
CA LEU B 166 -25.69 16.37 -9.48
C LEU B 166 -24.21 16.56 -9.22
N SER B 167 -23.77 16.35 -7.96
CA SER B 167 -22.41 16.54 -7.52
C SER B 167 -21.47 15.59 -8.27
N LEU B 168 -21.89 14.36 -8.58
CA LEU B 168 -21.07 13.40 -9.29
C LEU B 168 -20.62 13.88 -10.66
N ILE B 169 -21.37 14.73 -11.34
CA ILE B 169 -21.07 15.20 -12.68
C ILE B 169 -19.88 16.14 -12.72
N ASP B 170 -19.72 17.00 -11.74
CA ASP B 170 -18.69 18.03 -11.74
C ASP B 170 -17.53 17.83 -10.79
N ALA B 171 -16.43 17.29 -11.37
CA ALA B 171 -15.26 16.99 -10.54
C ALA B 171 -14.76 18.27 -9.84
N ASP B 172 -14.97 19.38 -10.55
CA ASP B 172 -14.63 20.65 -9.96
C ASP B 172 -15.88 21.49 -9.72
N PRO B 173 -16.45 21.43 -8.54
CA PRO B 173 -15.69 21.55 -7.31
C PRO B 173 -15.88 20.29 -6.47
N TYR B 174 -16.67 19.28 -6.90
CA TYR B 174 -17.01 18.24 -5.90
C TYR B 174 -15.98 17.25 -5.47
N LEU B 175 -14.87 17.01 -6.14
CA LEU B 175 -13.80 16.18 -5.64
C LEU B 175 -13.15 16.83 -4.42
N LYS B 176 -13.41 18.10 -4.09
CA LYS B 176 -12.80 18.64 -2.90
C LYS B 176 -13.51 18.12 -1.67
N TYR B 177 -14.71 17.59 -1.68
CA TYR B 177 -15.52 17.36 -0.56
C TYR B 177 -15.68 15.84 -0.36
N LEU B 178 -15.72 15.42 0.86
CA LEU B 178 -15.88 13.99 1.12
C LEU B 178 -17.35 13.70 0.89
N PRO B 179 -17.66 12.42 0.71
CA PRO B 179 -19.05 12.00 0.59
C PRO B 179 -19.99 12.42 1.68
N SER B 180 -19.55 12.28 2.94
CA SER B 180 -20.37 12.61 4.07
C SER B 180 -20.69 14.15 4.12
N VAL B 181 -19.76 14.98 3.61
CA VAL B 181 -19.96 16.42 3.63
C VAL B 181 -20.91 16.86 2.49
N ILE B 182 -20.81 16.24 1.31
CA ILE B 182 -21.71 16.50 0.21
C ILE B 182 -23.12 16.10 0.60
N ALA B 183 -23.23 14.95 1.25
CA ALA B 183 -24.52 14.43 1.70
C ALA B 183 -25.14 15.41 2.68
N GLY B 184 -24.36 15.97 3.62
CA GLY B 184 -24.88 16.89 4.59
C GLY B 184 -25.33 18.18 3.93
N ALA B 185 -24.51 18.72 3.05
CA ALA B 185 -24.93 19.89 2.26
C ALA B 185 -26.17 19.59 1.46
N ALA B 186 -26.27 18.42 0.88
CA ALA B 186 -27.44 18.08 0.05
C ALA B 186 -28.67 17.93 0.91
N PHE B 187 -28.54 17.19 2.02
CA PHE B 187 -29.73 17.04 2.91
C PHE B 187 -30.11 18.42 3.45
N HIS B 188 -29.22 19.30 3.92
CA HIS B 188 -29.66 20.63 4.34
C HIS B 188 -30.35 21.38 3.19
N LEU B 189 -29.73 21.53 2.00
CA LEU B 189 -30.38 22.24 0.90
C LEU B 189 -31.75 21.68 0.57
N ALA B 190 -31.89 20.33 0.53
CA ALA B 190 -33.20 19.79 0.21
C ALA B 190 -34.24 20.18 1.22
N LEU B 191 -33.88 20.09 2.48
CA LEU B 191 -34.80 20.34 3.58
C LEU B 191 -35.24 21.80 3.55
N TYR B 192 -34.26 22.67 3.42
CA TYR B 192 -34.44 24.09 3.37
C TYR B 192 -35.36 24.47 2.22
N THR B 193 -35.13 23.84 1.07
CA THR B 193 -35.94 24.07 -0.11
C THR B 193 -37.33 23.56 0.12
N VAL B 194 -37.55 22.33 0.59
CA VAL B 194 -38.96 21.91 0.73
C VAL B 194 -39.75 22.43 1.91
N THR B 195 -39.25 22.55 3.12
CA THR B 195 -40.01 22.83 4.32
C THR B 195 -39.45 24.03 5.06
N GLY B 196 -38.32 24.61 4.65
CA GLY B 196 -37.76 25.76 5.30
C GLY B 196 -36.94 25.39 6.52
N GLN B 197 -36.85 24.09 6.84
CA GLN B 197 -36.05 23.72 8.00
C GLN B 197 -34.57 23.64 7.64
N SER B 198 -33.71 23.43 8.61
CA SER B 198 -32.31 23.34 8.55
C SER B 198 -31.63 22.05 9.04
N TRP B 199 -30.43 21.79 8.59
CA TRP B 199 -29.57 20.74 9.11
C TRP B 199 -29.82 20.55 10.62
N PRO B 200 -30.39 19.43 11.03
CA PRO B 200 -30.78 19.23 12.40
C PRO B 200 -29.71 18.98 13.46
N GLU B 201 -30.08 19.49 14.63
CA GLU B 201 -29.24 19.44 15.82
C GLU B 201 -28.83 17.98 16.08
N SER B 202 -29.66 16.99 15.81
CA SER B 202 -29.27 15.62 16.06
C SER B 202 -28.24 15.16 15.04
N LEU B 203 -28.26 15.70 13.80
CA LEU B 203 -27.18 15.39 12.87
C LEU B 203 -25.93 16.11 13.22
N ILE B 204 -26.09 17.31 13.79
CA ILE B 204 -24.87 18.05 14.23
C ILE B 204 -24.11 17.17 15.22
N ARG B 205 -24.80 16.57 16.20
CA ARG B 205 -24.12 15.78 17.22
C ARG B 205 -23.62 14.48 16.58
N LYS B 206 -24.50 13.88 15.82
CA LYS B 206 -24.08 12.64 15.16
C LYS B 206 -22.98 13.02 14.21
N THR B 207 -22.72 14.02 13.42
CA THR B 207 -21.62 13.92 12.48
C THR B 207 -20.49 14.85 12.88
N GLY B 208 -20.80 15.68 13.86
CA GLY B 208 -19.92 16.77 14.29
C GLY B 208 -20.01 17.89 13.25
N TYR B 209 -20.91 17.82 12.21
CA TYR B 209 -20.86 18.85 11.18
C TYR B 209 -21.84 19.97 11.52
N THR B 210 -21.42 21.21 11.31
CA THR B 210 -22.35 22.31 11.66
C THR B 210 -22.63 22.92 10.30
N LEU B 211 -23.53 23.88 10.27
CA LEU B 211 -23.94 24.55 9.07
C LEU B 211 -22.75 25.37 8.65
N GLU B 212 -21.89 25.79 9.59
CA GLU B 212 -20.68 26.50 9.25
C GLU B 212 -19.67 25.57 8.57
N SER B 213 -19.38 24.37 9.07
CA SER B 213 -18.42 23.55 8.34
C SER B 213 -18.95 23.14 7.00
N LEU B 214 -20.25 23.03 6.78
CA LEU B 214 -20.90 22.67 5.57
C LEU B 214 -20.95 23.79 4.52
N LYS B 215 -20.80 25.04 4.96
CA LYS B 215 -20.98 26.20 4.12
C LYS B 215 -20.27 26.22 2.76
N PRO B 216 -18.98 26.02 2.69
CA PRO B 216 -18.32 25.99 1.42
C PRO B 216 -18.99 25.01 0.48
N CYS B 217 -19.32 23.79 0.95
CA CYS B 217 -19.90 22.80 0.02
C CYS B 217 -21.28 23.25 -0.36
N LEU B 218 -22.03 23.77 0.62
CA LEU B 218 -23.39 24.28 0.35
C LEU B 218 -23.41 25.42 -0.67
N MET B 219 -22.49 26.37 -0.63
CA MET B 219 -22.49 27.47 -1.56
C MET B 219 -22.28 26.85 -2.97
N ASP B 220 -21.25 25.99 -3.07
CA ASP B 220 -21.12 25.31 -4.37
C ASP B 220 -22.41 24.60 -4.75
N LEU B 221 -22.97 23.74 -3.87
CA LEU B 221 -24.16 23.00 -4.31
C LEU B 221 -25.35 23.89 -4.61
N HIS B 222 -25.53 25.00 -3.93
CA HIS B 222 -26.56 26.00 -4.26
C HIS B 222 -26.36 26.58 -5.66
N GLN B 223 -25.20 27.05 -6.05
CA GLN B 223 -24.93 27.47 -7.42
C GLN B 223 -25.15 26.34 -8.41
N THR B 224 -24.70 25.06 -8.14
CA THR B 224 -25.05 23.98 -9.07
C THR B 224 -26.54 23.81 -9.19
N TYR B 225 -27.36 23.89 -8.14
CA TYR B 225 -28.81 23.69 -8.21
C TYR B 225 -29.48 24.84 -8.98
N LEU B 226 -29.06 26.09 -8.69
CA LEU B 226 -29.64 27.20 -9.48
C LEU B 226 -29.27 27.07 -10.96
N LYS B 227 -28.09 26.64 -11.37
CA LYS B 227 -27.72 26.50 -12.76
C LYS B 227 -27.98 25.17 -13.42
N ALA B 228 -28.72 24.24 -12.76
CA ALA B 228 -28.96 22.91 -13.32
C ALA B 228 -29.68 22.90 -14.64
N PRO B 229 -30.66 23.76 -14.86
CA PRO B 229 -31.41 23.81 -16.11
C PRO B 229 -30.53 24.24 -17.28
N GLN B 230 -29.41 24.90 -17.05
CA GLN B 230 -28.58 25.23 -18.16
C GLN B 230 -27.29 24.44 -18.30
N HIS B 231 -27.06 23.42 -17.43
CA HIS B 231 -25.82 22.68 -17.52
C HIS B 231 -25.80 21.90 -18.80
N ALA B 232 -24.66 21.61 -19.39
CA ALA B 232 -24.67 20.75 -20.59
C ALA B 232 -25.19 19.37 -20.31
N GLN B 233 -24.99 18.80 -19.06
CA GLN B 233 -25.50 17.45 -18.88
C GLN B 233 -26.83 17.54 -18.18
N GLN B 234 -27.83 16.78 -18.62
CA GLN B 234 -29.19 16.90 -18.21
C GLN B 234 -29.87 15.57 -17.87
N SER B 235 -29.19 14.43 -17.88
CA SER B 235 -29.86 13.18 -17.59
C SER B 235 -30.34 13.09 -16.14
N ILE B 236 -29.64 13.72 -15.22
CA ILE B 236 -30.11 13.59 -13.82
C ILE B 236 -31.35 14.40 -13.65
N ARG B 237 -31.48 15.59 -14.20
CA ARG B 237 -32.77 16.34 -14.14
C ARG B 237 -33.86 15.57 -14.88
N GLU B 238 -33.52 15.02 -16.06
CA GLU B 238 -34.54 14.21 -16.69
C GLU B 238 -35.05 13.08 -15.79
N LYS B 239 -34.09 12.36 -15.16
CA LYS B 239 -34.47 11.21 -14.35
C LYS B 239 -35.28 11.66 -13.13
N TYR B 240 -34.99 12.78 -12.52
CA TYR B 240 -35.71 13.20 -11.31
C TYR B 240 -37.01 13.94 -11.68
N LYS B 241 -37.47 13.89 -12.96
CA LYS B 241 -38.80 14.42 -13.28
C LYS B 241 -39.83 13.36 -12.93
N ASN B 242 -39.46 12.11 -12.98
CA ASN B 242 -40.38 11.00 -12.74
C ASN B 242 -41.11 11.09 -11.40
N SER B 243 -42.23 10.34 -11.38
CA SER B 243 -43.13 10.35 -10.24
C SER B 243 -42.55 9.52 -9.12
N LYS B 244 -41.68 8.59 -9.42
CA LYS B 244 -40.89 7.83 -8.50
C LYS B 244 -40.13 8.84 -7.63
N TYR B 245 -39.72 9.99 -8.18
CA TYR B 245 -38.97 10.98 -7.45
C TYR B 245 -39.78 12.21 -7.11
N HIS B 246 -41.12 12.11 -7.10
CA HIS B 246 -41.98 13.24 -6.76
C HIS B 246 -41.72 14.43 -7.67
N GLY B 247 -41.18 14.22 -8.91
CA GLY B 247 -40.80 15.27 -9.84
C GLY B 247 -39.97 16.38 -9.24
N VAL B 248 -39.18 16.21 -8.16
CA VAL B 248 -38.43 17.24 -7.48
C VAL B 248 -37.51 18.05 -8.35
N SER B 249 -37.00 17.51 -9.48
CA SER B 249 -36.12 18.36 -10.30
C SER B 249 -36.93 19.51 -10.98
N LEU B 250 -38.27 19.49 -10.84
CA LEU B 250 -39.10 20.60 -11.28
C LEU B 250 -39.28 21.65 -10.20
N LEU B 251 -38.98 21.37 -8.92
CA LEU B 251 -39.12 22.41 -7.91
C LEU B 251 -38.18 23.57 -8.21
N ASN B 252 -38.44 24.79 -7.78
CA ASN B 252 -37.56 25.89 -8.00
C ASN B 252 -36.67 26.05 -6.77
N PRO B 253 -35.39 26.22 -6.98
CA PRO B 253 -34.41 26.33 -5.93
C PRO B 253 -34.62 27.62 -5.17
N PRO B 254 -34.25 27.65 -3.88
CA PRO B 254 -34.38 28.88 -3.12
C PRO B 254 -33.46 29.91 -3.77
N GLU B 255 -33.81 31.18 -3.67
CA GLU B 255 -32.96 32.22 -4.29
C GLU B 255 -31.77 32.46 -3.38
N THR B 256 -32.02 32.46 -2.06
CA THR B 256 -30.91 32.63 -1.12
C THR B 256 -30.97 31.54 -0.04
N LEU B 257 -29.79 31.33 0.54
CA LEU B 257 -29.74 30.39 1.69
C LEU B 257 -29.81 31.05 3.04
N ASN B 258 -29.70 32.37 3.09
CA ASN B 258 -29.71 33.16 4.30
C ASN B 258 -28.64 32.67 5.28
N LEU B 259 -27.44 32.46 4.74
CA LEU B 259 -26.27 32.06 5.47
C LEU B 259 -25.35 33.26 5.68
N SER C 1 1.36 -10.73 -18.55
CA SER C 1 1.80 -9.80 -17.52
C SER C 1 2.37 -8.51 -18.16
N MET C 2 2.84 -8.76 -19.39
CA MET C 2 3.11 -7.80 -20.45
C MET C 2 2.05 -7.89 -21.53
N GLU C 3 0.95 -8.59 -21.25
CA GLU C 3 -0.17 -8.84 -22.16
C GLU C 3 -0.77 -7.49 -22.51
N ASN C 4 -0.90 -6.52 -21.59
CA ASN C 4 -1.39 -5.21 -21.91
C ASN C 4 -0.34 -4.29 -22.48
N PHE C 5 0.87 -4.73 -22.94
CA PHE C 5 1.64 -3.66 -23.64
C PHE C 5 1.95 -4.04 -25.06
N GLN C 6 1.78 -3.04 -25.90
CA GLN C 6 2.14 -3.23 -27.30
C GLN C 6 3.43 -2.43 -27.56
N LYS C 7 4.47 -3.18 -27.88
CA LYS C 7 5.75 -2.51 -28.22
C LYS C 7 5.64 -1.64 -29.46
N VAL C 8 5.99 -0.39 -29.46
CA VAL C 8 5.93 0.47 -30.61
C VAL C 8 7.30 0.68 -31.24
N GLU C 9 8.41 0.91 -30.60
CA GLU C 9 9.74 1.07 -31.16
C GLU C 9 10.85 1.15 -30.10
N LYS C 10 12.04 0.72 -30.52
CA LYS C 10 13.31 0.76 -29.85
C LYS C 10 13.62 2.21 -29.57
N ILE C 11 13.99 2.59 -28.40
CA ILE C 11 14.16 4.03 -28.08
C ILE C 11 15.60 4.19 -27.68
N GLY C 12 16.24 3.14 -27.21
CA GLY C 12 17.55 3.04 -26.70
C GLY C 12 17.90 1.58 -26.37
N GLU C 13 19.18 1.37 -26.06
CA GLU C 13 19.54 0.02 -25.60
C GLU C 13 20.46 0.25 -24.41
N GLY C 14 20.84 -0.84 -23.75
CA GLY C 14 21.77 -0.71 -22.65
C GLY C 14 22.09 -2.02 -21.96
N THR C 15 22.80 -1.76 -20.88
CA THR C 15 23.37 -2.73 -19.99
C THR C 15 22.65 -4.05 -19.95
N TYR C 16 21.49 -4.11 -19.29
CA TYR C 16 20.81 -5.39 -19.08
C TYR C 16 19.67 -5.77 -20.00
N GLY C 17 19.61 -5.18 -21.19
CA GLY C 17 18.52 -5.54 -22.09
C GLY C 17 18.29 -4.38 -23.04
N VAL C 18 17.16 -3.68 -22.98
CA VAL C 18 16.86 -2.61 -23.93
C VAL C 18 15.70 -1.76 -23.35
N VAL C 19 15.41 -0.66 -24.04
CA VAL C 19 14.30 0.20 -23.78
C VAL C 19 13.38 0.33 -25.01
N TYR C 20 12.09 0.06 -24.77
CA TYR C 20 11.13 0.25 -25.86
C TYR C 20 10.06 1.28 -25.43
N LYS C 21 9.52 1.91 -26.41
CA LYS C 21 8.40 2.79 -26.41
C LYS C 21 7.24 1.80 -26.69
N ALA C 22 6.28 1.86 -25.75
CA ALA C 22 5.14 0.95 -25.85
C ALA C 22 3.86 1.73 -25.46
N ARG C 23 2.76 0.95 -25.65
CA ARG C 23 1.52 1.55 -25.23
C ARG C 23 0.67 0.53 -24.50
N ASN C 24 0.03 1.09 -23.48
CA ASN C 24 -0.99 0.37 -22.74
C ASN C 24 -2.18 0.17 -23.67
N LYS C 25 -2.51 -1.00 -24.12
CA LYS C 25 -3.57 -1.41 -24.99
C LYS C 25 -4.98 -1.11 -24.40
N LEU C 26 -5.10 -1.04 -23.09
CA LEU C 26 -6.38 -0.80 -22.47
C LEU C 26 -6.56 0.67 -22.19
N THR C 27 -5.49 1.40 -21.77
CA THR C 27 -5.78 2.83 -21.50
C THR C 27 -5.23 3.76 -22.54
N GLY C 28 -4.38 3.26 -23.43
CA GLY C 28 -3.75 4.17 -24.43
C GLY C 28 -2.43 4.79 -23.91
N GLU C 29 -2.12 4.67 -22.58
CA GLU C 29 -0.91 5.31 -22.08
C GLU C 29 0.35 4.88 -22.83
N VAL C 30 1.25 5.84 -23.08
CA VAL C 30 2.45 5.53 -23.87
C VAL C 30 3.51 5.35 -22.81
N VAL C 31 4.35 4.36 -22.79
CA VAL C 31 5.30 4.21 -21.68
C VAL C 31 6.68 3.88 -22.26
N ALA C 32 7.70 3.79 -21.40
CA ALA C 32 9.05 3.33 -21.83
C ALA C 32 9.29 2.08 -21.04
N LEU C 33 9.56 0.97 -21.66
CA LEU C 33 9.73 -0.30 -21.00
C LEU C 33 11.22 -0.55 -21.00
N LYS C 34 11.72 -0.67 -19.76
CA LYS C 34 13.13 -1.02 -19.66
C LYS C 34 13.24 -2.43 -19.19
N LYS C 35 13.68 -3.29 -20.07
CA LYS C 35 13.89 -4.69 -19.84
C LYS C 35 15.24 -4.98 -19.15
N ILE C 36 15.17 -5.63 -18.00
CA ILE C 36 16.35 -6.15 -17.32
C ILE C 36 16.34 -7.67 -17.38
N ARG C 37 17.26 -8.31 -18.07
CA ARG C 37 17.29 -9.78 -18.14
C ARG C 37 17.97 -10.35 -16.88
N LEU C 38 17.33 -11.41 -16.42
CA LEU C 38 17.63 -12.14 -15.22
C LEU C 38 18.26 -13.45 -15.70
N ASP C 39 17.54 -14.54 -15.56
CA ASP C 39 17.87 -15.91 -15.87
C ASP C 39 17.63 -16.71 -14.57
N THR C 40 18.68 -17.40 -14.15
CA THR C 40 18.83 -18.23 -12.99
C THR C 40 20.22 -18.88 -13.18
N GLU C 41 20.82 -19.35 -12.11
CA GLU C 41 22.19 -19.86 -12.18
C GLU C 41 22.96 -18.71 -12.81
N THR C 42 22.86 -17.60 -12.08
CA THR C 42 23.47 -16.32 -12.47
C THR C 42 23.43 -15.60 -11.11
N GLU C 43 23.36 -14.29 -11.09
CA GLU C 43 23.37 -13.66 -9.77
C GLU C 43 22.03 -13.23 -9.25
N GLY C 44 20.91 -13.62 -9.82
CA GLY C 44 19.61 -13.15 -9.40
C GLY C 44 19.27 -11.75 -9.91
N VAL C 45 18.53 -10.94 -9.14
CA VAL C 45 18.32 -9.58 -9.68
C VAL C 45 19.59 -8.71 -9.62
N PRO C 46 20.01 -8.07 -10.71
CA PRO C 46 21.21 -7.27 -10.78
C PRO C 46 21.24 -6.19 -9.73
N SER C 47 22.30 -5.99 -8.99
CA SER C 47 22.28 -4.90 -8.02
C SER C 47 21.97 -3.57 -8.69
N THR C 48 22.47 -3.23 -9.91
CA THR C 48 22.04 -1.98 -10.47
C THR C 48 20.54 -1.83 -10.55
N ALA C 49 19.71 -2.78 -10.90
CA ALA C 49 18.27 -2.77 -10.96
C ALA C 49 17.60 -2.64 -9.60
N ILE C 50 18.12 -3.28 -8.57
CA ILE C 50 17.64 -3.26 -7.18
C ILE C 50 17.76 -1.86 -6.65
N ARG C 51 18.91 -1.19 -6.92
CA ARG C 51 19.11 0.20 -6.57
C ARG C 51 18.25 1.14 -7.38
N GLU C 52 18.13 0.94 -8.70
CA GLU C 52 17.41 1.90 -9.54
C GLU C 52 15.95 1.91 -9.10
N ILE C 53 15.40 0.66 -8.96
CA ILE C 53 14.00 0.58 -8.54
C ILE C 53 13.85 1.17 -7.13
N SER C 54 14.62 0.69 -6.13
CA SER C 54 14.33 1.27 -4.81
C SER C 54 14.73 2.71 -4.72
N LEU C 55 15.74 3.26 -5.37
CA LEU C 55 15.88 4.74 -5.19
C LEU C 55 14.78 5.51 -5.91
N LEU C 56 14.31 5.06 -7.09
CA LEU C 56 13.25 5.70 -7.84
C LEU C 56 11.97 5.77 -7.04
N LYS C 57 11.62 4.71 -6.35
CA LYS C 57 10.42 4.72 -5.51
C LYS C 57 10.53 5.81 -4.46
N GLU C 58 11.68 6.23 -3.97
CA GLU C 58 11.71 7.36 -3.06
C GLU C 58 11.97 8.69 -3.74
N LEU C 59 11.80 8.86 -5.05
CA LEU C 59 12.18 10.12 -5.68
C LEU C 59 10.97 10.61 -6.51
N ASN C 60 10.03 11.22 -5.84
CA ASN C 60 8.79 11.69 -6.41
C ASN C 60 8.99 13.21 -6.53
N HIS C 61 9.26 13.68 -7.75
CA HIS C 61 9.56 15.13 -7.91
C HIS C 61 9.23 15.39 -9.35
N PRO C 62 8.80 16.59 -9.73
CA PRO C 62 8.49 16.89 -11.14
C PRO C 62 9.67 16.75 -12.09
N ASN C 63 10.91 16.86 -11.61
CA ASN C 63 12.09 16.77 -12.46
C ASN C 63 12.84 15.46 -12.30
N ILE C 64 12.11 14.39 -11.93
CA ILE C 64 12.64 13.08 -11.85
C ILE C 64 11.65 12.16 -12.54
N VAL C 65 12.13 11.43 -13.55
CA VAL C 65 11.25 10.54 -14.31
C VAL C 65 10.48 9.70 -13.33
N LYS C 66 9.24 9.43 -13.66
CA LYS C 66 8.38 8.62 -12.81
C LYS C 66 8.41 7.19 -13.23
N LEU C 67 8.61 6.33 -12.27
CA LEU C 67 8.56 4.86 -12.39
C LEU C 67 7.10 4.41 -12.20
N LEU C 68 6.41 3.86 -13.17
CA LEU C 68 4.97 3.61 -13.09
C LEU C 68 4.68 2.25 -12.55
N ASP C 69 5.55 1.30 -12.88
CA ASP C 69 5.30 -0.06 -12.45
C ASP C 69 6.56 -0.90 -12.59
N VAL C 70 6.55 -2.08 -11.98
CA VAL C 70 7.70 -2.97 -12.06
C VAL C 70 7.09 -4.33 -12.30
N ILE C 71 7.39 -4.92 -13.43
CA ILE C 71 6.76 -6.22 -13.69
C ILE C 71 7.84 -7.25 -13.46
N HIS C 72 7.74 -7.92 -12.30
CA HIS C 72 8.79 -8.80 -11.82
C HIS C 72 8.34 -10.24 -11.99
N THR C 73 8.74 -10.69 -13.17
CA THR C 73 8.39 -12.09 -13.51
C THR C 73 9.47 -13.04 -13.02
N GLU C 74 9.28 -14.30 -13.44
CA GLU C 74 10.20 -15.38 -13.07
C GLU C 74 11.39 -15.31 -14.03
N ASN C 75 11.15 -14.95 -15.30
CA ASN C 75 12.19 -14.82 -16.31
C ASN C 75 12.80 -13.43 -16.55
N LYS C 76 11.94 -12.42 -16.45
CA LYS C 76 12.38 -11.07 -16.74
C LYS C 76 11.86 -10.04 -15.74
N LEU C 77 12.52 -8.90 -15.80
CA LEU C 77 12.17 -7.76 -14.95
C LEU C 77 11.96 -6.58 -15.89
N TYR C 78 10.82 -5.94 -15.83
CA TYR C 78 10.49 -4.83 -16.64
C TYR C 78 10.31 -3.61 -15.79
N LEU C 79 10.97 -2.51 -16.14
CA LEU C 79 10.68 -1.30 -15.40
C LEU C 79 9.78 -0.51 -16.37
N VAL C 80 8.65 -0.02 -15.91
CA VAL C 80 7.68 0.71 -16.72
C VAL C 80 7.69 2.15 -16.28
N PHE C 81 8.08 3.04 -17.11
CA PHE C 81 8.23 4.47 -16.90
C PHE C 81 7.27 5.32 -17.67
N GLU C 82 7.02 6.55 -17.25
CA GLU C 82 6.31 7.47 -18.17
C GLU C 82 7.22 7.75 -19.38
N PHE C 83 6.68 7.91 -20.56
CA PHE C 83 7.39 8.12 -21.82
C PHE C 83 7.67 9.60 -22.06
N LEU C 84 8.87 10.09 -22.35
CA LEU C 84 8.96 11.53 -22.65
C LEU C 84 9.49 11.64 -24.07
N HIS C 85 9.05 12.70 -24.76
CA HIS C 85 9.52 12.86 -26.13
C HIS C 85 10.90 12.40 -26.49
N GLN C 86 11.96 12.97 -25.84
CA GLN C 86 13.29 12.39 -26.15
C GLN C 86 14.27 12.81 -25.07
N ASP C 87 15.51 12.30 -25.21
CA ASP C 87 16.55 12.64 -24.25
C ASP C 87 17.21 13.93 -24.74
N LEU C 88 17.95 14.61 -23.85
CA LEU C 88 18.61 15.88 -24.13
C LEU C 88 19.72 15.75 -25.15
N LYS C 89 20.26 14.56 -25.36
CA LYS C 89 21.32 14.45 -26.36
C LYS C 89 20.71 14.50 -27.78
N LYS C 90 19.62 13.74 -27.92
CA LYS C 90 18.92 13.79 -29.23
C LYS C 90 18.40 15.22 -29.44
N PHE C 91 17.86 15.92 -28.48
CA PHE C 91 17.41 17.29 -28.67
C PHE C 91 18.58 18.17 -29.08
N MET C 92 19.74 18.03 -28.41
CA MET C 92 20.93 18.81 -28.71
C MET C 92 21.33 18.50 -30.16
N ASP C 93 21.44 17.25 -30.60
CA ASP C 93 21.84 16.89 -31.92
C ASP C 93 20.95 17.57 -32.96
N ALA C 94 19.65 17.57 -32.74
CA ALA C 94 18.70 18.19 -33.63
C ALA C 94 18.81 19.72 -33.61
N SER C 95 19.29 20.34 -32.56
CA SER C 95 19.51 21.76 -32.45
C SER C 95 20.95 22.20 -32.73
N ALA C 96 21.85 21.46 -33.34
CA ALA C 96 23.22 21.92 -33.52
C ALA C 96 23.36 23.09 -34.48
N LEU C 97 22.46 23.23 -35.44
CA LEU C 97 22.46 24.37 -36.35
C LEU C 97 21.92 25.60 -35.64
N THR C 98 20.71 25.58 -35.14
CA THR C 98 20.18 26.70 -34.38
C THR C 98 20.90 27.02 -33.07
N GLY C 99 21.11 25.96 -32.27
CA GLY C 99 21.53 26.11 -30.88
C GLY C 99 20.21 26.07 -30.08
N ILE C 100 20.22 25.75 -28.81
CA ILE C 100 19.07 25.83 -27.94
C ILE C 100 18.90 27.30 -27.50
N PRO C 101 17.72 27.84 -27.59
CA PRO C 101 17.49 29.25 -27.21
C PRO C 101 17.93 29.56 -25.79
N LEU C 102 18.46 30.71 -25.51
CA LEU C 102 18.93 31.09 -24.20
C LEU C 102 17.92 30.83 -23.06
N PRO C 103 16.67 31.25 -23.10
CA PRO C 103 15.73 31.04 -22.05
C PRO C 103 15.45 29.58 -21.73
N LEU C 104 15.53 28.72 -22.70
CA LEU C 104 15.28 27.30 -22.57
C LEU C 104 16.50 26.59 -21.94
N ILE C 105 17.71 27.14 -22.17
CA ILE C 105 18.91 26.59 -21.54
C ILE C 105 18.75 26.96 -20.05
N LYS C 106 18.27 28.18 -19.77
CA LYS C 106 18.19 28.54 -18.32
C LYS C 106 17.11 27.72 -17.63
N SER C 107 15.97 27.55 -18.27
CA SER C 107 14.88 26.75 -17.74
C SER C 107 15.35 25.29 -17.53
N TYR C 108 15.95 24.66 -18.52
CA TYR C 108 16.50 23.30 -18.37
C TYR C 108 17.48 23.23 -17.21
N LEU C 109 18.40 24.18 -17.06
CA LEU C 109 19.34 24.03 -15.96
C LEU C 109 18.61 24.19 -14.62
N PHE C 110 17.68 25.16 -14.49
CA PHE C 110 17.00 25.39 -13.23
C PHE C 110 16.26 24.10 -12.80
N GLN C 111 15.61 23.42 -13.75
CA GLN C 111 14.85 22.21 -13.52
C GLN C 111 15.77 21.05 -13.10
N LEU C 112 16.92 20.91 -13.72
CA LEU C 112 17.88 19.84 -13.44
C LEU C 112 18.41 20.10 -12.03
N LEU C 113 18.64 21.37 -11.68
CA LEU C 113 19.08 21.66 -10.35
C LEU C 113 18.01 21.34 -9.32
N GLN C 114 16.71 21.52 -9.58
CA GLN C 114 15.66 21.21 -8.65
C GLN C 114 15.53 19.67 -8.53
N GLY C 115 15.66 18.86 -9.54
CA GLY C 115 15.65 17.44 -9.49
C GLY C 115 16.86 16.94 -8.70
N LEU C 116 18.07 17.41 -9.06
CA LEU C 116 19.26 17.08 -8.35
C LEU C 116 19.20 17.52 -6.87
N ALA C 117 18.73 18.71 -6.56
CA ALA C 117 18.70 19.12 -5.12
C ALA C 117 17.69 18.21 -4.41
N PHE C 118 16.58 17.77 -5.00
CA PHE C 118 15.72 16.83 -4.29
C PHE C 118 16.49 15.50 -4.07
N CYS C 119 17.24 15.03 -5.08
CA CYS C 119 17.91 13.72 -4.92
C CYS C 119 18.87 13.79 -3.74
N HIS C 120 19.65 14.88 -3.72
CA HIS C 120 20.68 15.05 -2.68
C HIS C 120 20.10 15.19 -1.25
N SER C 121 18.98 15.88 -1.13
CA SER C 121 18.19 16.02 0.06
C SER C 121 17.57 14.69 0.49
N HIS C 122 17.44 13.73 -0.39
CA HIS C 122 16.92 12.40 -0.04
C HIS C 122 18.08 11.42 0.01
N ARG C 123 19.33 11.87 0.23
CA ARG C 123 20.54 11.10 0.33
C ARG C 123 20.69 10.16 -0.84
N VAL C 124 20.50 10.69 -2.07
CA VAL C 124 20.78 9.86 -3.26
C VAL C 124 21.77 10.58 -4.18
N LEU C 125 22.85 9.97 -4.57
CA LEU C 125 23.87 10.36 -5.51
C LEU C 125 23.40 9.69 -6.86
N HIS C 126 23.28 10.57 -7.85
CA HIS C 126 22.90 9.98 -9.16
C HIS C 126 24.07 9.29 -9.83
N ARG C 127 25.18 10.01 -10.06
CA ARG C 127 26.45 9.53 -10.59
C ARG C 127 26.47 9.13 -12.04
N ASP C 128 25.49 9.58 -12.84
CA ASP C 128 25.70 9.26 -14.29
C ASP C 128 25.04 10.35 -15.11
N LEU C 129 25.14 11.60 -14.59
CA LEU C 129 24.41 12.64 -15.35
C LEU C 129 25.15 12.89 -16.65
N LYS C 130 24.43 12.93 -17.74
CA LYS C 130 24.94 13.22 -19.09
C LYS C 130 23.66 13.46 -19.90
N PRO C 131 23.75 14.07 -21.07
CA PRO C 131 22.58 14.46 -21.83
C PRO C 131 21.72 13.31 -22.22
N GLN C 132 22.20 12.12 -22.53
CA GLN C 132 21.34 11.02 -22.92
C GLN C 132 20.55 10.48 -21.73
N ASN C 133 20.94 10.72 -20.49
CA ASN C 133 20.25 10.31 -19.29
C ASN C 133 19.30 11.41 -18.76
N LEU C 134 18.99 12.43 -19.57
CA LEU C 134 18.10 13.52 -19.16
C LEU C 134 16.97 13.54 -20.15
N LEU C 135 15.71 13.67 -19.74
CA LEU C 135 14.58 13.57 -20.69
C LEU C 135 13.77 14.86 -20.72
N ILE C 136 13.33 15.16 -21.93
CA ILE C 136 12.51 16.37 -22.13
C ILE C 136 11.16 15.98 -22.78
N ASN C 137 10.18 16.76 -22.39
CA ASN C 137 8.83 16.55 -22.92
C ASN C 137 8.49 17.71 -23.84
N THR C 138 7.32 17.70 -24.48
CA THR C 138 7.02 18.73 -25.50
C THR C 138 6.58 20.05 -24.89
N GLU C 139 6.30 20.09 -23.61
CA GLU C 139 5.88 21.28 -22.94
C GLU C 139 7.00 22.04 -22.27
N GLY C 140 8.27 21.65 -22.26
CA GLY C 140 9.27 22.50 -21.64
C GLY C 140 9.89 21.87 -20.39
N ALA C 141 9.46 20.70 -19.99
CA ALA C 141 10.02 20.09 -18.79
C ALA C 141 11.29 19.34 -19.13
N ILE C 142 12.23 19.18 -18.17
CA ILE C 142 13.30 18.25 -18.37
C ILE C 142 13.40 17.42 -17.07
N LYS C 143 13.71 16.11 -17.21
CA LYS C 143 13.80 15.26 -16.02
C LYS C 143 15.06 14.42 -15.91
N LEU C 144 15.53 14.24 -14.66
CA LEU C 144 16.62 13.28 -14.45
C LEU C 144 16.08 11.89 -14.74
N ALA C 145 16.88 11.03 -15.34
CA ALA C 145 16.54 9.64 -15.59
C ALA C 145 17.81 8.79 -15.53
N ASP C 146 17.76 7.55 -15.92
CA ASP C 146 18.81 6.58 -15.74
C ASP C 146 19.51 6.62 -14.38
N PHE C 147 18.84 6.00 -13.38
CA PHE C 147 19.26 5.88 -12.00
C PHE C 147 19.95 4.54 -11.80
N GLY C 148 20.50 4.04 -12.88
CA GLY C 148 21.19 2.75 -12.89
C GLY C 148 22.60 2.89 -12.30
N LEU C 149 23.10 4.02 -11.88
CA LEU C 149 24.42 4.09 -11.29
C LEU C 149 24.27 4.74 -9.93
N ALA C 150 23.03 5.09 -9.54
CA ALA C 150 22.78 5.77 -8.31
C ALA C 150 23.02 4.88 -7.04
N ARG C 151 23.16 5.59 -5.93
CA ARG C 151 23.36 5.02 -4.64
C ARG C 151 22.96 5.93 -3.48
N ALA C 152 22.34 5.24 -2.49
CA ALA C 152 21.89 5.99 -1.30
C ALA C 152 23.16 6.32 -0.55
N PHE C 153 23.50 7.48 -0.10
CA PHE C 153 24.76 7.73 0.60
C PHE C 153 24.47 7.97 2.08
N GLY C 154 25.53 7.99 2.89
CA GLY C 154 25.32 8.22 4.30
C GLY C 154 25.96 9.50 4.74
N VAL C 155 25.70 9.97 5.93
CA VAL C 155 26.29 11.18 6.47
C VAL C 155 27.28 10.67 7.53
N PRO C 156 28.47 11.19 7.50
CA PRO C 156 29.41 11.43 6.46
C PRO C 156 29.55 10.25 5.51
N VAL C 157 30.01 10.44 4.28
CA VAL C 157 30.07 9.31 3.35
C VAL C 157 31.19 8.38 3.67
N ARG C 158 31.17 7.14 3.24
CA ARG C 158 32.28 6.19 3.31
C ARG C 158 32.85 6.18 1.86
N THR C 159 33.82 5.35 1.56
CA THR C 159 34.30 5.12 0.21
C THR C 159 33.26 4.43 -0.66
N TYR C 160 33.01 4.90 -1.88
CA TYR C 160 32.04 4.27 -2.76
C TYR C 160 32.67 3.72 -4.04
N TPO C 161 31.94 3.23 -5.01
CA TPO C 161 32.54 2.60 -6.17
CB TPO C 161 31.45 2.09 -7.13
CG2 TPO C 161 31.85 1.35 -8.37
OG1 TPO C 161 30.55 1.20 -6.36
P TPO C 161 29.16 1.33 -5.86
O1P TPO C 161 28.34 1.61 -7.05
O2P TPO C 161 29.15 2.55 -4.95
O3P TPO C 161 28.67 0.19 -5.10
C TPO C 161 33.39 3.65 -6.93
O TPO C 161 32.92 4.80 -6.96
N HIS C 162 34.58 3.27 -7.39
CA HIS C 162 35.45 4.22 -8.03
C HIS C 162 35.02 4.46 -9.49
N GLU C 163 34.52 3.47 -10.22
CA GLU C 163 34.16 3.59 -11.62
C GLU C 163 32.75 4.12 -11.77
N VAL C 164 32.64 5.43 -11.70
CA VAL C 164 31.27 6.07 -11.66
C VAL C 164 31.36 7.24 -12.57
N VAL C 165 30.25 7.64 -13.25
CA VAL C 165 30.14 8.74 -14.14
C VAL C 165 30.81 8.46 -15.49
N THR C 166 30.09 8.73 -16.56
CA THR C 166 30.60 8.61 -17.93
C THR C 166 31.74 9.60 -18.08
N LEU C 167 32.85 9.18 -18.65
CA LEU C 167 34.12 9.86 -18.71
C LEU C 167 34.08 11.35 -18.91
N TRP C 168 33.34 11.88 -19.84
CA TRP C 168 33.34 13.32 -20.12
C TRP C 168 32.71 14.20 -19.07
N TYR C 169 31.90 13.54 -18.17
CA TYR C 169 31.18 14.32 -17.16
C TYR C 169 31.79 14.06 -15.79
N ARG C 170 32.86 13.26 -15.70
CA ARG C 170 33.45 12.83 -14.46
C ARG C 170 34.28 13.91 -13.78
N ALA C 171 34.02 14.14 -12.49
CA ALA C 171 34.67 15.06 -11.62
C ALA C 171 36.13 14.69 -11.34
N PRO C 172 36.98 15.73 -11.18
CA PRO C 172 38.42 15.56 -11.02
C PRO C 172 38.75 14.87 -9.74
N GLU C 173 37.92 14.95 -8.66
CA GLU C 173 38.24 14.21 -7.44
C GLU C 173 38.16 12.72 -7.72
N ILE C 174 37.26 12.29 -8.64
CA ILE C 174 37.28 10.82 -8.94
C ILE C 174 38.49 10.43 -9.77
N LEU C 175 38.76 11.22 -10.79
CA LEU C 175 39.88 11.04 -11.73
C LEU C 175 41.19 11.04 -10.93
N LEU C 176 41.34 11.80 -9.86
CA LEU C 176 42.57 11.79 -9.10
C LEU C 176 42.61 10.72 -8.00
N GLY C 177 41.57 9.87 -7.99
CA GLY C 177 41.37 8.78 -7.11
C GLY C 177 41.05 9.18 -5.68
N CYS C 178 40.31 10.21 -5.29
CA CYS C 178 40.08 10.55 -3.91
C CYS C 178 39.37 9.37 -3.24
N LYS C 179 39.70 9.30 -1.96
CA LYS C 179 39.09 8.19 -1.19
C LYS C 179 37.58 8.47 -1.06
N TYR C 180 37.20 9.73 -0.90
CA TYR C 180 35.84 10.12 -0.71
C TYR C 180 35.35 11.04 -1.80
N TYR C 181 34.13 10.81 -2.24
CA TYR C 181 33.44 11.76 -3.14
C TYR C 181 31.97 11.73 -2.63
N SER C 182 31.23 12.76 -2.97
CA SER C 182 29.87 12.88 -2.62
C SER C 182 29.08 13.68 -3.63
N THR C 183 28.10 14.46 -3.19
CA THR C 183 27.19 15.19 -4.06
C THR C 183 27.83 16.15 -5.06
N ALA C 184 29.02 16.67 -4.74
CA ALA C 184 29.71 17.56 -5.67
C ALA C 184 30.03 16.87 -6.99
N VAL C 185 30.09 15.47 -7.04
CA VAL C 185 30.34 14.96 -8.39
C VAL C 185 29.15 15.20 -9.29
N ASP C 186 27.92 15.17 -8.76
CA ASP C 186 26.78 15.42 -9.67
C ASP C 186 26.80 16.90 -10.05
N ILE C 187 27.26 17.80 -9.17
CA ILE C 187 27.25 19.22 -9.62
C ILE C 187 28.18 19.49 -10.82
N TRP C 188 29.41 18.87 -10.79
CA TRP C 188 30.36 18.86 -11.85
C TRP C 188 29.73 18.41 -13.17
N SER C 189 29.06 17.25 -13.12
CA SER C 189 28.38 16.75 -14.32
C SER C 189 27.39 17.75 -14.86
N LEU C 190 26.58 18.39 -14.01
CA LEU C 190 25.70 19.43 -14.44
C LEU C 190 26.37 20.67 -14.99
N GLY C 191 27.47 21.14 -14.45
CA GLY C 191 28.14 22.31 -15.04
C GLY C 191 28.65 21.90 -16.44
N CYS C 192 29.12 20.65 -16.57
CA CYS C 192 29.57 20.21 -17.90
C CYS C 192 28.39 20.23 -18.83
N ILE C 193 27.18 19.84 -18.41
CA ILE C 193 26.03 19.77 -19.31
C ILE C 193 25.54 21.20 -19.62
N PHE C 194 25.69 22.08 -18.64
CA PHE C 194 25.31 23.47 -18.76
C PHE C 194 26.12 24.08 -19.91
N ALA C 195 27.46 23.94 -19.81
CA ALA C 195 28.35 24.41 -20.89
C ALA C 195 28.03 23.85 -22.29
N GLU C 196 27.78 22.54 -22.37
CA GLU C 196 27.45 21.81 -23.56
C GLU C 196 26.16 22.35 -24.25
N MET C 197 25.10 22.57 -23.45
CA MET C 197 23.91 23.20 -23.97
C MET C 197 24.30 24.58 -24.58
N VAL C 198 25.18 25.37 -23.98
CA VAL C 198 25.61 26.66 -24.42
C VAL C 198 26.40 26.71 -25.72
N THR C 199 27.44 25.96 -25.87
CA THR C 199 28.40 25.91 -26.95
C THR C 199 28.02 24.84 -27.96
N ARG C 200 27.10 23.93 -27.63
CA ARG C 200 26.75 22.90 -28.59
C ARG C 200 27.82 21.79 -28.69
N ARG C 201 28.77 21.68 -27.79
CA ARG C 201 29.67 20.57 -27.82
C ARG C 201 30.13 20.24 -26.40
N ALA C 202 30.56 19.01 -26.18
CA ALA C 202 31.02 18.53 -24.89
C ALA C 202 32.06 19.45 -24.34
N LEU C 203 32.07 19.85 -23.09
CA LEU C 203 33.11 20.79 -22.64
C LEU C 203 34.41 20.03 -22.53
N PHE C 204 34.48 18.81 -21.99
CA PHE C 204 35.79 18.12 -21.81
C PHE C 204 35.79 16.74 -22.45
N PRO C 205 35.90 16.61 -23.76
CA PRO C 205 35.73 15.33 -24.42
C PRO C 205 36.97 14.47 -24.31
N GLY C 206 37.37 13.98 -23.11
CA GLY C 206 38.55 13.14 -23.10
C GLY C 206 38.50 11.83 -23.85
N ASP C 207 39.69 11.27 -24.18
CA ASP C 207 39.60 9.92 -24.72
C ASP C 207 40.25 8.91 -23.79
N SER C 208 40.64 9.35 -22.61
CA SER C 208 41.07 8.36 -21.58
C SER C 208 41.03 9.23 -20.31
N GLU C 209 41.37 8.64 -19.24
CA GLU C 209 41.36 9.31 -17.92
C GLU C 209 42.44 10.39 -17.78
N ILE C 210 43.66 10.11 -18.30
CA ILE C 210 44.70 11.13 -18.22
C ILE C 210 44.32 12.23 -19.16
N ASP C 211 43.77 11.84 -20.33
CA ASP C 211 43.41 12.94 -21.30
C ASP C 211 42.28 13.79 -20.76
N GLN C 212 41.32 13.12 -20.08
CA GLN C 212 40.17 13.83 -19.49
C GLN C 212 40.67 14.87 -18.50
N LEU C 213 41.58 14.42 -17.63
CA LEU C 213 42.17 15.34 -16.66
C LEU C 213 42.93 16.50 -17.33
N PHE C 214 43.82 16.17 -18.32
CA PHE C 214 44.47 17.30 -18.99
C PHE C 214 43.46 18.19 -19.70
N ARG C 215 42.33 17.75 -20.27
CA ARG C 215 41.39 18.72 -20.91
C ARG C 215 40.86 19.62 -19.82
N ILE C 216 40.56 19.05 -18.65
CA ILE C 216 40.07 19.91 -17.55
C ILE C 216 41.19 20.84 -17.15
N PHE C 217 42.45 20.36 -16.96
CA PHE C 217 43.50 21.32 -16.55
C PHE C 217 43.83 22.42 -17.55
N ARG C 218 43.62 22.18 -18.82
CA ARG C 218 43.96 23.22 -19.82
C ARG C 218 42.85 24.23 -19.75
N THR C 219 41.63 23.93 -19.31
CA THR C 219 40.62 24.98 -19.36
C THR C 219 40.61 25.82 -18.10
N LEU C 220 40.68 25.18 -16.96
CA LEU C 220 40.48 25.79 -15.68
C LEU C 220 41.81 26.00 -14.95
N GLY C 221 42.92 25.52 -15.50
CA GLY C 221 44.23 25.75 -14.84
C GLY C 221 44.55 24.44 -14.08
N THR C 222 45.82 24.01 -14.05
CA THR C 222 46.22 22.87 -13.29
C THR C 222 46.11 23.23 -11.81
N PRO C 223 45.29 22.54 -11.07
CA PRO C 223 45.07 22.91 -9.65
C PRO C 223 46.32 22.76 -8.83
N ASP C 224 46.42 23.59 -7.80
CA ASP C 224 47.58 23.49 -6.88
C ASP C 224 47.08 23.59 -5.45
N GLU C 225 47.89 23.56 -4.41
CA GLU C 225 47.48 23.58 -3.06
C GLU C 225 46.73 24.84 -2.66
N VAL C 226 46.89 25.95 -3.38
CA VAL C 226 46.12 27.12 -3.06
C VAL C 226 44.68 26.93 -3.53
N VAL C 227 44.40 26.54 -4.76
CA VAL C 227 43.02 26.36 -5.21
C VAL C 227 42.37 25.17 -4.60
N TRP C 228 43.12 24.10 -4.27
CA TRP C 228 42.55 22.86 -3.74
C TRP C 228 43.50 22.16 -2.82
N PRO C 229 43.37 22.52 -1.53
CA PRO C 229 44.27 21.99 -0.48
C PRO C 229 44.20 20.47 -0.43
N GLY C 230 45.31 19.74 -0.41
CA GLY C 230 45.22 18.28 -0.45
C GLY C 230 45.34 17.75 -1.90
N VAL C 231 45.24 18.57 -2.98
CA VAL C 231 45.32 18.01 -4.31
C VAL C 231 46.59 17.20 -4.58
N THR C 232 47.72 17.81 -4.18
CA THR C 232 48.98 17.15 -4.54
C THR C 232 49.27 15.89 -3.74
N SER C 233 48.45 15.54 -2.77
CA SER C 233 48.64 14.28 -2.04
C SER C 233 47.65 13.24 -2.52
N MET C 234 46.77 13.51 -3.46
CA MET C 234 45.82 12.54 -3.99
C MET C 234 46.44 11.39 -4.67
N PRO C 235 45.88 10.19 -4.51
CA PRO C 235 46.43 8.97 -5.04
C PRO C 235 46.84 9.09 -6.46
N ASP C 236 46.13 9.62 -7.44
CA ASP C 236 46.64 9.60 -8.81
C ASP C 236 47.19 10.95 -9.16
N TYR C 237 47.39 11.90 -8.24
CA TYR C 237 48.00 13.15 -8.70
C TYR C 237 49.49 12.93 -9.10
N LYS C 238 50.10 13.55 -10.08
CA LYS C 238 51.56 13.36 -10.27
C LYS C 238 52.22 14.72 -10.30
N PRO C 239 53.20 15.06 -9.51
CA PRO C 239 53.78 16.41 -9.59
C PRO C 239 54.35 16.66 -10.99
N SER C 240 54.54 15.67 -11.90
CA SER C 240 55.01 16.06 -13.24
C SER C 240 53.89 16.53 -14.16
N PHE C 241 52.62 16.57 -13.68
CA PHE C 241 51.58 17.11 -14.55
C PHE C 241 51.93 18.48 -15.09
N PRO C 242 51.66 18.74 -16.36
CA PRO C 242 51.87 20.06 -16.88
C PRO C 242 51.08 21.06 -16.04
N LYS C 243 51.58 22.26 -15.78
CA LYS C 243 50.92 23.33 -15.07
C LYS C 243 50.35 24.31 -16.05
N TRP C 244 49.09 24.17 -16.43
CA TRP C 244 48.52 25.14 -17.38
C TRP C 244 47.84 26.26 -16.63
N ALA C 245 47.69 27.43 -17.17
CA ALA C 245 47.01 28.56 -16.54
C ALA C 245 45.53 28.50 -16.91
N ARG C 246 44.70 29.02 -16.01
CA ARG C 246 43.26 29.13 -16.31
C ARG C 246 42.90 30.00 -17.52
N GLN C 247 41.96 29.54 -18.38
CA GLN C 247 41.49 30.29 -19.52
C GLN C 247 40.25 31.12 -19.08
N ASP C 248 40.12 32.29 -19.66
CA ASP C 248 39.03 33.18 -19.46
C ASP C 248 37.74 32.55 -20.01
N PHE C 249 36.68 32.49 -19.16
CA PHE C 249 35.42 31.92 -19.63
C PHE C 249 34.85 32.62 -20.88
N SER C 250 35.17 33.86 -21.21
CA SER C 250 34.71 34.42 -22.47
C SER C 250 35.24 33.56 -23.60
N LYS C 251 36.43 32.94 -23.50
CA LYS C 251 36.85 32.01 -24.53
C LYS C 251 36.20 30.65 -24.28
N VAL C 252 36.15 30.18 -23.05
CA VAL C 252 35.49 28.90 -22.75
C VAL C 252 33.99 28.74 -23.09
N VAL C 253 33.17 29.69 -22.66
CA VAL C 253 31.76 29.67 -23.03
C VAL C 253 31.33 31.07 -23.50
N PRO C 254 31.64 31.38 -24.76
CA PRO C 254 31.46 32.70 -25.35
C PRO C 254 30.08 33.25 -25.28
N PRO C 255 29.06 32.50 -25.63
CA PRO C 255 27.71 33.04 -25.58
C PRO C 255 27.18 33.30 -24.19
N LEU C 256 27.79 32.90 -23.10
CA LEU C 256 27.21 33.03 -21.75
C LEU C 256 27.33 34.40 -21.10
N ASP C 257 26.32 35.00 -20.52
CA ASP C 257 26.48 36.24 -19.79
C ASP C 257 27.19 36.08 -18.46
N GLU C 258 27.51 37.22 -17.86
CA GLU C 258 28.24 37.36 -16.63
C GLU C 258 27.66 36.46 -15.54
N ASP C 259 26.37 36.55 -15.27
CA ASP C 259 25.69 35.69 -14.32
C ASP C 259 25.88 34.21 -14.66
N GLY C 260 25.79 33.81 -15.92
CA GLY C 260 25.93 32.43 -16.32
C GLY C 260 27.38 32.02 -16.16
N ARG C 261 28.32 32.93 -16.36
CA ARG C 261 29.74 32.54 -16.18
C ARG C 261 29.99 32.40 -14.70
N SER C 262 29.38 33.14 -13.85
CA SER C 262 29.62 33.07 -12.40
C SER C 262 29.06 31.71 -11.93
N LEU C 263 27.87 31.36 -12.40
CA LEU C 263 27.28 30.11 -11.99
C LEU C 263 28.12 28.91 -12.46
N LEU C 264 28.54 28.87 -13.74
CA LEU C 264 29.35 27.83 -14.28
C LEU C 264 30.65 27.72 -13.50
N SER C 265 31.29 28.85 -13.15
CA SER C 265 32.60 28.56 -12.47
C SER C 265 32.43 28.02 -11.07
N GLN C 266 31.27 28.36 -10.42
CA GLN C 266 31.05 27.72 -9.08
C GLN C 266 30.67 26.24 -9.18
N MET C 267 30.12 25.76 -10.29
CA MET C 267 29.80 24.39 -10.54
C MET C 267 31.09 23.65 -10.95
N LEU C 268 32.12 24.38 -11.44
CA LEU C 268 33.36 23.72 -11.85
C LEU C 268 34.52 24.04 -10.95
N HIS C 269 34.29 24.51 -9.72
CA HIS C 269 35.33 24.65 -8.77
C HIS C 269 36.06 23.35 -8.51
N TYR C 270 37.38 23.30 -8.47
CA TYR C 270 38.10 22.08 -8.26
C TYR C 270 37.83 21.42 -6.91
N ASP C 271 37.86 22.16 -5.84
CA ASP C 271 37.62 21.68 -4.48
C ASP C 271 36.16 21.32 -4.26
N PRO C 272 35.84 20.05 -4.16
CA PRO C 272 34.49 19.58 -3.96
C PRO C 272 33.83 20.17 -2.72
N ASN C 273 34.59 20.54 -1.72
CA ASN C 273 34.01 21.19 -0.55
C ASN C 273 33.56 22.61 -0.83
N LYS C 274 34.09 23.25 -1.85
CA LYS C 274 33.73 24.59 -2.23
C LYS C 274 32.84 24.62 -3.46
N ARG C 275 32.73 23.58 -4.27
CA ARG C 275 31.83 23.59 -5.41
C ARG C 275 30.43 23.87 -4.85
N ILE C 276 29.66 24.69 -5.58
CA ILE C 276 28.34 25.06 -5.19
C ILE C 276 27.39 23.88 -5.06
N SER C 277 26.46 23.92 -4.08
CA SER C 277 25.50 22.78 -3.99
C SER C 277 24.37 23.05 -4.99
N ALA C 278 23.50 22.11 -5.24
CA ALA C 278 22.37 22.31 -6.15
C ALA C 278 21.41 23.33 -5.53
N LYS C 279 21.22 23.20 -4.24
CA LYS C 279 20.34 24.15 -3.55
C LYS C 279 20.81 25.57 -3.53
N ALA C 280 22.08 25.83 -3.29
CA ALA C 280 22.60 27.21 -3.35
C ALA C 280 22.59 27.68 -4.81
N ALA C 281 22.80 26.81 -5.79
CA ALA C 281 22.72 27.14 -7.19
C ALA C 281 21.33 27.66 -7.62
N LEU C 282 20.24 27.16 -7.06
CA LEU C 282 18.89 27.56 -7.31
C LEU C 282 18.71 28.99 -6.90
N ALA C 283 19.50 29.55 -6.01
CA ALA C 283 19.41 30.94 -5.56
C ALA C 283 20.36 31.88 -6.30
N HIS C 284 21.11 31.37 -7.31
CA HIS C 284 22.06 32.32 -7.96
C HIS C 284 21.30 33.34 -8.79
N PRO C 285 21.78 34.55 -9.01
CA PRO C 285 21.12 35.54 -9.83
C PRO C 285 20.93 35.18 -11.29
N PHE C 286 21.65 34.22 -11.87
CA PHE C 286 21.36 33.67 -13.18
C PHE C 286 19.89 33.18 -13.31
N PHE C 287 19.23 32.74 -12.23
CA PHE C 287 17.85 32.35 -12.35
C PHE C 287 16.81 33.39 -12.02
N GLN C 288 17.12 34.63 -11.65
CA GLN C 288 16.04 35.57 -11.31
C GLN C 288 14.92 35.71 -12.32
N ASP C 289 15.18 35.69 -13.60
CA ASP C 289 14.19 35.82 -14.67
C ASP C 289 13.71 34.54 -15.34
N VAL C 290 13.95 33.38 -14.74
CA VAL C 290 13.69 32.11 -15.36
C VAL C 290 12.25 31.96 -15.78
N THR C 291 12.01 31.37 -16.94
CA THR C 291 10.67 31.11 -17.42
C THR C 291 10.66 29.63 -17.85
N LYS C 292 9.54 29.17 -18.38
CA LYS C 292 9.43 27.80 -18.89
C LYS C 292 9.00 27.80 -20.36
N PRO C 293 9.92 28.04 -21.29
CA PRO C 293 9.60 28.03 -22.71
C PRO C 293 9.30 26.63 -23.18
N VAL C 294 8.67 26.42 -24.33
CA VAL C 294 8.37 25.08 -24.88
C VAL C 294 9.44 24.80 -25.90
N PRO C 295 10.04 23.62 -25.99
CA PRO C 295 11.04 23.36 -27.01
C PRO C 295 10.45 23.39 -28.41
N HIS C 296 11.27 23.62 -29.42
CA HIS C 296 10.88 23.54 -30.82
C HIS C 296 11.29 22.11 -31.18
N LEU C 297 10.29 21.26 -31.32
CA LEU C 297 10.52 19.85 -31.56
C LEU C 297 10.29 19.43 -33.00
N VAL D 2 31.02 19.02 4.64
CA VAL D 2 29.91 19.30 3.72
C VAL D 2 28.54 19.15 4.34
N PRO D 3 28.16 20.05 5.26
CA PRO D 3 26.89 19.99 5.98
C PRO D 3 25.67 20.42 5.23
N ASP D 4 25.79 20.90 4.03
CA ASP D 4 24.69 21.47 3.24
C ASP D 4 23.34 20.75 3.24
N TYR D 5 23.42 19.42 3.14
CA TYR D 5 22.27 18.53 3.08
C TYR D 5 22.00 17.78 4.37
N HIS D 6 22.94 17.89 5.30
CA HIS D 6 22.83 17.19 6.54
C HIS D 6 21.45 17.26 7.23
N GLU D 7 20.95 18.47 7.45
CA GLU D 7 19.67 18.54 8.14
C GLU D 7 18.54 17.99 7.34
N ASP D 8 18.51 18.24 6.02
CA ASP D 8 17.42 17.65 5.24
C ASP D 8 17.41 16.11 5.37
N ILE D 9 18.60 15.53 5.33
CA ILE D 9 18.83 14.09 5.30
C ILE D 9 18.35 13.53 6.62
N HIS D 10 18.71 14.13 7.71
CA HIS D 10 18.33 13.74 9.07
C HIS D 10 16.81 13.74 9.14
N THR D 11 16.17 14.91 8.73
CA THR D 11 14.70 14.93 8.74
C THR D 11 14.07 13.84 7.92
N TYR D 12 14.52 13.64 6.67
CA TYR D 12 13.99 12.56 5.88
C TYR D 12 14.28 11.16 6.49
N LEU D 13 15.49 10.88 7.07
CA LEU D 13 15.64 9.55 7.70
C LEU D 13 14.64 9.40 8.84
N ARG D 14 14.31 10.45 9.59
CA ARG D 14 13.39 10.35 10.75
C ARG D 14 11.99 9.97 10.33
N GLU D 15 11.69 10.39 9.11
CA GLU D 15 10.42 10.03 8.50
C GLU D 15 10.46 8.64 7.87
N MET D 16 11.55 8.25 7.22
CA MET D 16 11.53 6.89 6.64
C MET D 16 11.63 5.79 7.69
N GLU D 17 12.32 5.96 8.81
CA GLU D 17 12.43 4.95 9.88
C GLU D 17 11.07 4.59 10.45
N VAL D 18 10.11 5.53 10.50
CA VAL D 18 8.80 5.26 10.97
C VAL D 18 8.11 4.45 9.89
N LYS D 19 8.33 4.61 8.61
CA LYS D 19 7.68 3.87 7.54
C LYS D 19 8.32 2.52 7.23
N CYS D 20 9.59 2.22 7.43
CA CYS D 20 10.34 1.02 7.24
C CYS D 20 10.46 0.17 8.50
N LYS D 21 9.68 0.56 9.53
CA LYS D 21 9.73 -0.12 10.82
C LYS D 21 8.90 -1.41 10.76
N PRO D 22 9.47 -2.44 11.33
CA PRO D 22 8.82 -3.73 11.47
C PRO D 22 7.59 -3.60 12.39
N LYS D 23 6.57 -4.43 12.33
CA LYS D 23 5.50 -4.40 13.34
C LYS D 23 5.98 -5.01 14.65
N VAL D 24 5.95 -4.32 15.78
CA VAL D 24 6.51 -4.72 17.06
C VAL D 24 6.17 -6.08 17.61
N GLY D 25 4.95 -6.52 17.58
CA GLY D 25 4.60 -7.83 18.13
C GLY D 25 4.53 -8.99 17.15
N TYR D 26 5.28 -8.93 16.03
CA TYR D 26 5.10 -9.96 15.02
C TYR D 26 5.41 -11.37 15.47
N MET D 27 6.41 -11.56 16.33
CA MET D 27 6.89 -12.88 16.67
C MET D 27 5.84 -13.72 17.38
N LYS D 28 5.01 -13.01 18.11
CA LYS D 28 3.86 -13.47 18.85
C LYS D 28 2.95 -14.15 17.86
N LYS D 29 2.85 -13.78 16.59
CA LYS D 29 2.03 -14.40 15.60
C LYS D 29 2.82 -15.39 14.74
N GLN D 30 4.07 -15.68 15.03
CA GLN D 30 4.74 -16.70 14.19
C GLN D 30 4.43 -18.02 14.89
N PRO D 31 3.79 -18.97 14.26
CA PRO D 31 3.49 -20.25 14.89
C PRO D 31 4.75 -21.05 15.10
N ASP D 32 5.78 -20.99 14.28
CA ASP D 32 6.92 -21.85 14.49
C ASP D 32 8.22 -21.23 14.83
N ILE D 33 8.50 -19.96 14.89
CA ILE D 33 9.85 -19.48 15.14
C ILE D 33 9.71 -18.56 16.34
N THR D 34 10.81 -18.32 17.02
CA THR D 34 10.79 -17.58 18.27
C THR D 34 11.81 -16.45 18.20
N ASN D 35 11.89 -15.58 19.21
CA ASN D 35 12.99 -14.60 19.27
C ASN D 35 14.35 -15.23 19.37
N SER D 36 14.44 -16.40 19.98
CA SER D 36 15.74 -17.09 20.15
C SER D 36 16.22 -17.65 18.83
N MET D 37 15.27 -18.15 18.01
CA MET D 37 15.74 -18.58 16.68
C MET D 37 16.20 -17.35 15.88
N ARG D 38 15.53 -16.22 16.00
CA ARG D 38 15.93 -15.03 15.25
C ARG D 38 17.30 -14.53 15.74
N ALA D 39 17.47 -14.62 17.07
CA ALA D 39 18.74 -14.31 17.68
C ALA D 39 19.86 -15.11 17.05
N ILE D 40 19.73 -16.44 16.99
CA ILE D 40 20.78 -17.30 16.41
C ILE D 40 21.01 -16.86 14.95
N LEU D 41 19.91 -16.61 14.22
CA LEU D 41 19.99 -16.13 12.86
C LEU D 41 20.86 -14.85 12.70
N VAL D 42 20.61 -13.76 13.38
CA VAL D 42 21.28 -12.53 13.32
C VAL D 42 22.73 -12.73 13.77
N ASP D 43 22.96 -13.54 14.81
CA ASP D 43 24.35 -13.80 15.23
C ASP D 43 25.09 -14.45 14.07
N TRP D 44 24.48 -15.44 13.38
CA TRP D 44 25.14 -16.05 12.22
C TRP D 44 25.44 -15.06 11.10
N LEU D 45 24.55 -14.15 10.81
CA LEU D 45 24.77 -13.08 9.81
C LEU D 45 25.94 -12.21 10.24
N VAL D 46 26.05 -11.95 11.57
CA VAL D 46 27.22 -11.25 12.05
C VAL D 46 28.47 -11.98 11.63
N GLU D 47 28.51 -13.28 11.74
CA GLU D 47 29.71 -14.03 11.29
C GLU D 47 29.86 -14.02 9.81
N VAL D 48 28.73 -14.17 9.10
CA VAL D 48 28.81 -14.16 7.62
C VAL D 48 29.44 -12.82 7.19
N GLY D 49 29.07 -11.75 7.83
CA GLY D 49 29.57 -10.43 7.62
C GLY D 49 31.08 -10.36 7.81
N GLU D 50 31.58 -10.99 8.89
CA GLU D 50 32.98 -11.04 9.18
C GLU D 50 33.73 -11.87 8.14
N GLU D 51 33.20 -13.01 7.79
CA GLU D 51 33.86 -13.86 6.84
C GLU D 51 34.05 -13.12 5.51
N TYR D 52 33.03 -12.38 5.06
CA TYR D 52 33.07 -11.78 3.75
C TYR D 52 33.53 -10.32 3.89
N LYS D 53 33.93 -9.85 5.09
CA LYS D 53 34.30 -8.41 5.09
C LYS D 53 33.20 -7.45 4.59
N LEU D 54 31.93 -7.67 4.91
CA LEU D 54 30.83 -6.77 4.55
C LEU D 54 30.75 -5.62 5.55
N GLN D 55 30.16 -4.52 5.17
CA GLN D 55 30.04 -3.33 5.97
C GLN D 55 29.10 -3.59 7.13
N ASN D 56 29.26 -2.94 8.30
CA ASN D 56 28.22 -3.04 9.33
C ASN D 56 26.86 -2.66 8.79
N GLU D 57 26.75 -1.64 7.96
CA GLU D 57 25.53 -1.15 7.38
C GLU D 57 24.82 -2.31 6.66
N THR D 58 25.53 -3.05 5.81
CA THR D 58 24.91 -4.21 5.19
C THR D 58 24.17 -5.16 6.16
N LEU D 59 24.73 -5.50 7.29
CA LEU D 59 24.20 -6.30 8.34
C LEU D 59 22.86 -5.69 8.85
N HIS D 60 22.90 -4.46 9.28
CA HIS D 60 21.81 -3.66 9.74
C HIS D 60 20.69 -3.58 8.70
N LEU D 61 20.95 -3.48 7.42
CA LEU D 61 19.90 -3.49 6.40
C LEU D 61 19.31 -4.90 6.34
N ALA D 62 20.04 -5.96 6.30
CA ALA D 62 19.63 -7.35 6.22
C ALA D 62 18.69 -7.67 7.39
N VAL D 63 19.01 -7.19 8.58
CA VAL D 63 18.14 -7.42 9.73
C VAL D 63 16.83 -6.68 9.50
N ASN D 64 16.89 -5.40 9.06
CA ASN D 64 15.59 -4.70 8.84
C ASN D 64 14.71 -5.45 7.83
N TYR D 65 15.31 -5.96 6.74
CA TYR D 65 14.56 -6.73 5.75
C TYR D 65 14.06 -8.03 6.39
N ILE D 66 14.80 -8.73 7.25
CA ILE D 66 14.29 -9.96 7.88
C ILE D 66 13.07 -9.58 8.71
N ASP D 67 13.18 -8.58 9.57
CA ASP D 67 12.01 -8.27 10.44
C ASP D 67 10.79 -7.74 9.69
N ARG D 68 10.91 -7.04 8.58
CA ARG D 68 9.85 -6.58 7.73
C ARG D 68 9.23 -7.79 7.05
N PHE D 69 10.05 -8.67 6.46
CA PHE D 69 9.44 -9.87 5.83
C PHE D 69 8.67 -10.74 6.83
N LEU D 70 9.23 -11.07 7.98
CA LEU D 70 8.56 -11.83 9.03
C LEU D 70 7.34 -11.07 9.61
N SER D 71 7.31 -9.74 9.45
CA SER D 71 6.18 -8.93 9.88
C SER D 71 4.98 -9.36 9.01
N SER D 72 5.06 -9.80 7.76
CA SER D 72 3.81 -10.20 7.16
C SER D 72 3.81 -11.62 6.64
N MET D 73 4.82 -12.44 6.89
CA MET D 73 4.92 -13.77 6.28
C MET D 73 5.29 -14.77 7.38
N SER D 74 4.37 -15.73 7.55
CA SER D 74 4.65 -16.73 8.57
C SER D 74 5.66 -17.64 7.94
N VAL D 75 6.68 -18.04 8.71
CA VAL D 75 7.80 -18.84 8.14
C VAL D 75 8.11 -20.04 8.99
N LEU D 76 8.31 -21.17 8.32
CA LEU D 76 8.64 -22.38 9.14
C LEU D 76 10.12 -22.28 9.54
N ARG D 77 10.51 -22.85 10.69
CA ARG D 77 11.85 -22.80 11.23
C ARG D 77 12.91 -23.33 10.28
N GLY D 78 12.63 -24.32 9.46
CA GLY D 78 13.58 -24.83 8.49
C GLY D 78 13.88 -23.85 7.35
N LYS D 79 13.03 -22.82 7.18
CA LYS D 79 13.21 -21.85 6.15
C LYS D 79 13.73 -20.50 6.63
N LEU D 80 13.87 -20.30 7.94
CA LEU D 80 14.29 -18.98 8.46
C LEU D 80 15.67 -18.63 7.93
N GLN D 81 16.58 -19.61 7.86
CA GLN D 81 17.90 -19.26 7.33
C GLN D 81 17.83 -18.83 5.89
N LEU D 82 16.95 -19.45 5.11
CA LEU D 82 16.72 -19.08 3.72
C LEU D 82 16.24 -17.63 3.61
N VAL D 83 15.35 -17.16 4.46
CA VAL D 83 14.92 -15.78 4.44
C VAL D 83 16.12 -14.86 4.72
N GLY D 84 16.89 -15.19 5.76
CA GLY D 84 18.09 -14.48 6.18
C GLY D 84 19.19 -14.50 5.12
N THR D 85 19.49 -15.58 4.42
CA THR D 85 20.49 -15.56 3.38
C THR D 85 19.97 -14.70 2.25
N ALA D 86 18.70 -14.75 1.86
CA ALA D 86 18.31 -13.92 0.70
C ALA D 86 18.37 -12.40 1.09
N ALA D 87 18.05 -12.16 2.34
CA ALA D 87 18.11 -10.77 2.80
C ALA D 87 19.54 -10.26 2.89
N MET D 88 20.56 -11.09 3.19
CA MET D 88 21.91 -10.66 3.31
C MET D 88 22.43 -10.51 1.88
N LEU D 89 21.88 -11.35 1.00
CA LEU D 89 22.25 -11.20 -0.41
C LEU D 89 21.75 -9.87 -0.97
N LEU D 90 20.51 -9.49 -0.71
CA LEU D 90 19.96 -8.25 -1.19
C LEU D 90 20.60 -7.04 -0.53
N ALA D 91 20.83 -7.22 0.78
CA ALA D 91 21.49 -6.03 1.38
C ALA D 91 22.86 -5.87 0.75
N SER D 92 23.61 -6.98 0.55
CA SER D 92 24.93 -6.83 -0.07
C SER D 92 24.81 -6.13 -1.42
N LYS D 93 23.92 -6.54 -2.29
CA LYS D 93 23.67 -5.92 -3.59
C LYS D 93 23.28 -4.47 -3.39
N PHE D 94 22.54 -4.10 -2.36
CA PHE D 94 22.23 -2.68 -2.29
C PHE D 94 23.50 -1.91 -1.86
N GLU D 95 24.19 -2.34 -0.82
CA GLU D 95 25.20 -1.49 -0.19
C GLU D 95 26.63 -1.70 -0.54
N GLU D 96 27.07 -2.91 -0.96
CA GLU D 96 28.53 -3.12 -1.02
C GLU D 96 29.00 -2.75 -2.44
N ILE D 97 30.23 -2.40 -2.56
CA ILE D 97 30.95 -2.22 -3.80
C ILE D 97 31.13 -3.57 -4.45
N TYR D 98 31.53 -4.62 -3.69
CA TYR D 98 31.61 -5.96 -4.30
C TYR D 98 30.87 -6.99 -3.43
N PRO D 99 29.61 -7.20 -3.72
CA PRO D 99 28.83 -8.19 -2.96
C PRO D 99 29.30 -9.59 -3.24
N PRO D 100 29.20 -10.50 -2.33
CA PRO D 100 29.57 -11.90 -2.54
C PRO D 100 28.70 -12.43 -3.67
N GLU D 101 29.14 -13.48 -4.34
CA GLU D 101 28.32 -14.05 -5.40
C GLU D 101 27.33 -15.02 -4.77
N VAL D 102 26.30 -15.37 -5.55
CA VAL D 102 25.22 -16.19 -5.00
C VAL D 102 25.69 -17.58 -4.56
N ALA D 103 26.61 -18.14 -5.36
CA ALA D 103 27.20 -19.44 -5.07
C ALA D 103 27.93 -19.39 -3.73
N GLU D 104 28.46 -18.24 -3.37
CA GLU D 104 29.11 -18.10 -2.04
C GLU D 104 28.06 -18.08 -0.95
N PHE D 105 26.95 -17.39 -1.22
CA PHE D 105 25.86 -17.37 -0.22
C PHE D 105 25.39 -18.82 -0.07
N VAL D 106 25.22 -19.57 -1.12
CA VAL D 106 24.85 -21.00 -0.99
C VAL D 106 25.91 -21.76 -0.22
N TYR D 107 27.22 -21.57 -0.42
CA TYR D 107 28.24 -22.28 0.37
C TYR D 107 28.20 -21.95 1.82
N ILE D 108 28.08 -20.67 2.21
CA ILE D 108 28.02 -20.34 3.62
C ILE D 108 26.78 -21.03 4.24
N THR D 109 25.71 -21.39 3.50
CA THR D 109 24.68 -22.20 4.19
C THR D 109 25.03 -23.69 4.19
N ASP D 110 26.22 -24.06 3.73
CA ASP D 110 26.60 -25.45 3.61
C ASP D 110 25.72 -26.28 2.71
N ASP D 111 25.21 -25.79 1.58
CA ASP D 111 24.25 -26.56 0.79
C ASP D 111 23.02 -26.90 1.63
N THR D 112 22.60 -26.14 2.62
CA THR D 112 21.30 -26.41 3.23
C THR D 112 20.24 -26.03 2.21
N TYR D 113 20.47 -25.03 1.31
CA TYR D 113 19.50 -24.73 0.29
C TYR D 113 20.12 -24.81 -1.08
N THR D 114 19.41 -24.94 -2.19
CA THR D 114 20.08 -24.83 -3.50
C THR D 114 20.13 -23.35 -3.90
N LYS D 115 20.90 -23.07 -4.97
CA LYS D 115 21.01 -21.77 -5.60
C LYS D 115 19.64 -21.25 -6.02
N LYS D 116 18.85 -22.18 -6.59
CA LYS D 116 17.52 -21.85 -7.03
C LYS D 116 16.63 -21.46 -5.85
N GLN D 117 16.72 -22.09 -4.68
CA GLN D 117 15.94 -21.61 -3.55
C GLN D 117 16.41 -20.20 -3.19
N VAL D 118 17.73 -19.96 -3.17
CA VAL D 118 18.12 -18.58 -2.79
C VAL D 118 17.60 -17.56 -3.76
N LEU D 119 17.68 -17.80 -5.05
CA LEU D 119 17.21 -16.92 -6.07
C LEU D 119 15.70 -16.70 -6.02
N ARG D 120 14.94 -17.76 -5.74
CA ARG D 120 13.51 -17.58 -5.57
C ARG D 120 13.10 -16.87 -4.28
N MET D 121 13.82 -17.17 -3.20
CA MET D 121 13.54 -16.41 -1.98
C MET D 121 13.96 -14.96 -2.22
N GLU D 122 15.01 -14.63 -2.98
CA GLU D 122 15.32 -13.26 -3.31
C GLU D 122 14.17 -12.47 -3.97
N HIS D 123 13.55 -13.01 -5.00
CA HIS D 123 12.33 -12.49 -5.65
C HIS D 123 11.18 -12.46 -4.67
N LEU D 124 10.94 -13.45 -3.76
CA LEU D 124 9.86 -13.23 -2.80
C LEU D 124 10.18 -12.12 -1.83
N VAL D 125 11.41 -12.01 -1.29
CA VAL D 125 11.68 -10.89 -0.38
C VAL D 125 11.46 -9.53 -1.07
N LEU D 126 11.99 -9.36 -2.31
CA LEU D 126 11.74 -8.11 -3.05
C LEU D 126 10.24 -7.80 -3.16
N LYS D 127 9.40 -8.79 -3.51
CA LYS D 127 8.00 -8.47 -3.63
C LYS D 127 7.37 -8.14 -2.26
N VAL D 128 7.68 -8.90 -1.21
CA VAL D 128 7.06 -8.64 0.08
C VAL D 128 7.49 -7.26 0.50
N LEU D 129 8.78 -6.92 0.32
CA LEU D 129 9.18 -5.55 0.75
C LEU D 129 8.79 -4.49 -0.28
N THR D 130 8.09 -4.90 -1.38
CA THR D 130 7.77 -3.98 -2.49
C THR D 130 9.00 -3.22 -2.94
N PHE D 131 10.17 -3.87 -3.03
CA PHE D 131 11.43 -3.23 -3.42
C PHE D 131 11.83 -2.04 -2.57
N ASP D 132 11.27 -1.70 -1.40
CA ASP D 132 11.64 -0.56 -0.59
C ASP D 132 12.79 -0.97 0.31
N LEU D 133 14.02 -0.84 -0.25
CA LEU D 133 15.20 -1.36 0.44
C LEU D 133 16.06 -0.36 1.13
N ALA D 134 15.81 0.88 0.89
CA ALA D 134 16.65 1.94 1.35
C ALA D 134 16.25 2.28 2.76
N ALA D 135 16.22 1.36 3.69
CA ALA D 135 15.83 1.73 5.06
C ALA D 135 16.93 2.37 5.92
N PRO D 136 16.48 3.19 6.81
CA PRO D 136 17.27 3.88 7.84
C PRO D 136 17.69 2.87 8.89
N THR D 137 18.95 2.96 9.31
CA THR D 137 19.45 1.89 10.20
C THR D 137 20.02 2.49 11.46
N VAL D 138 20.28 1.77 12.52
CA VAL D 138 20.88 2.45 13.68
C VAL D 138 22.18 3.10 13.25
N ASN D 139 22.95 2.42 12.37
CA ASN D 139 24.23 2.85 11.85
C ASN D 139 24.14 4.20 11.16
N GLN D 140 23.14 4.49 10.34
CA GLN D 140 23.00 5.77 9.68
C GLN D 140 22.76 6.84 10.72
N PHE D 141 22.09 6.57 11.83
CA PHE D 141 21.97 7.70 12.78
C PHE D 141 23.22 7.83 13.63
N LEU D 142 23.90 6.72 14.05
CA LEU D 142 25.14 6.84 14.78
C LEU D 142 26.15 7.79 14.15
N THR D 143 26.49 7.54 12.94
CA THR D 143 27.49 8.27 12.07
C THR D 143 27.23 9.75 12.05
N GLN D 144 25.94 10.13 12.01
CA GLN D 144 25.48 11.51 12.14
C GLN D 144 25.72 11.97 13.55
N TYR D 145 25.35 11.19 14.54
CA TYR D 145 25.57 11.55 15.93
C TYR D 145 27.09 11.72 16.20
N PHE D 146 27.92 10.82 15.61
CA PHE D 146 29.35 10.96 15.79
C PHE D 146 29.84 12.32 15.32
N LEU D 147 29.29 13.10 14.38
CA LEU D 147 29.86 14.42 14.10
C LEU D 147 29.72 15.39 15.25
N HIS D 148 28.89 15.17 16.28
CA HIS D 148 28.79 16.12 17.37
C HIS D 148 29.74 15.76 18.50
N GLN D 149 30.68 14.83 18.39
CA GLN D 149 31.51 14.55 19.54
C GLN D 149 32.58 15.66 19.69
N GLN D 150 32.69 16.12 20.96
CA GLN D 150 33.77 17.07 21.26
C GLN D 150 34.97 16.39 21.85
N PRO D 151 36.15 16.56 21.28
CA PRO D 151 36.62 16.17 20.00
C PRO D 151 36.33 14.68 19.69
N ALA D 152 36.74 14.25 18.51
CA ALA D 152 36.43 12.91 18.06
C ALA D 152 37.05 11.85 18.96
N ASN D 153 36.31 10.83 19.37
CA ASN D 153 36.96 9.78 20.15
C ASN D 153 36.68 8.45 19.44
N CYS D 154 37.64 7.78 18.91
CA CYS D 154 37.71 6.49 18.32
C CYS D 154 37.00 5.39 19.12
N LYS D 155 37.33 5.38 20.39
CA LYS D 155 36.88 4.39 21.32
C LYS D 155 35.38 4.53 21.49
N VAL D 156 34.92 5.70 21.79
CA VAL D 156 33.46 5.95 21.87
C VAL D 156 32.71 5.45 20.61
N GLU D 157 33.24 5.68 19.44
CA GLU D 157 32.62 5.32 18.18
C GLU D 157 32.52 3.82 18.00
N SER D 158 33.56 3.11 18.31
CA SER D 158 33.56 1.66 18.23
C SER D 158 32.57 1.06 19.24
N LEU D 159 32.55 1.70 20.43
CA LEU D 159 31.72 1.19 21.49
C LEU D 159 30.27 1.51 21.16
N ALA D 160 29.97 2.68 20.54
CA ALA D 160 28.55 2.93 20.26
C ALA D 160 28.10 1.93 19.20
N MET D 161 28.99 1.59 18.26
CA MET D 161 28.71 0.64 17.21
C MET D 161 28.42 -0.77 17.70
N PHE D 162 29.23 -1.23 18.65
CA PHE D 162 29.15 -2.48 19.29
C PHE D 162 27.78 -2.57 19.94
N LEU D 163 27.37 -1.57 20.70
CA LEU D 163 26.10 -1.58 21.37
C LEU D 163 24.92 -1.52 20.41
N GLY D 164 25.07 -0.76 19.32
CA GLY D 164 23.95 -0.70 18.38
C GLY D 164 23.83 -2.09 17.72
N GLU D 165 24.96 -2.76 17.53
CA GLU D 165 24.85 -4.07 16.93
C GLU D 165 24.27 -5.11 17.86
N LEU D 166 24.60 -5.03 19.16
CA LEU D 166 24.03 -5.96 20.15
C LEU D 166 22.51 -5.89 20.11
N SER D 167 21.93 -4.68 19.93
CA SER D 167 20.49 -4.52 19.92
C SER D 167 19.87 -5.26 18.75
N LEU D 168 20.58 -5.53 17.67
CA LEU D 168 20.02 -6.28 16.57
C LEU D 168 19.70 -7.72 16.97
N ILE D 169 20.41 -8.26 17.95
CA ILE D 169 20.22 -9.70 18.27
C ILE D 169 18.88 -9.97 18.96
N ASP D 170 18.43 -9.10 19.81
CA ASP D 170 17.31 -9.32 20.71
C ASP D 170 16.06 -8.53 20.38
N ALA D 171 15.15 -9.16 19.60
CA ALA D 171 13.94 -8.50 19.13
C ALA D 171 13.08 -8.02 20.32
N ASP D 172 13.29 -8.73 21.45
CA ASP D 172 12.69 -8.30 22.68
C ASP D 172 13.68 -7.83 23.71
N PRO D 173 14.05 -6.57 23.80
CA PRO D 173 13.14 -5.46 23.79
C PRO D 173 13.34 -4.61 22.52
N TYR D 174 14.41 -4.82 21.69
CA TYR D 174 14.73 -3.77 20.74
C TYR D 174 13.79 -3.46 19.61
N LEU D 175 12.89 -4.36 19.22
CA LEU D 175 11.86 -3.95 18.22
C LEU D 175 10.93 -2.88 18.76
N LYS D 176 10.92 -2.53 20.03
CA LYS D 176 10.10 -1.42 20.52
C LYS D 176 10.64 -0.04 20.12
N TYR D 177 11.92 0.08 19.84
CA TYR D 177 12.58 1.32 19.63
C TYR D 177 12.94 1.61 18.19
N LEU D 178 12.87 2.90 17.85
CA LEU D 178 13.21 3.24 16.46
C LEU D 178 14.75 3.27 16.39
N PRO D 179 15.28 3.11 15.20
CA PRO D 179 16.69 3.20 14.95
C PRO D 179 17.31 4.44 15.55
N SER D 180 16.67 5.61 15.37
CA SER D 180 17.27 6.85 15.86
C SER D 180 17.40 6.93 17.38
N VAL D 181 16.47 6.24 18.07
CA VAL D 181 16.44 6.18 19.52
C VAL D 181 17.44 5.18 20.07
N ILE D 182 17.55 4.01 19.38
CA ILE D 182 18.56 3.07 19.84
C ILE D 182 19.94 3.70 19.65
N ALA D 183 20.12 4.37 18.50
CA ALA D 183 21.41 5.04 18.27
C ALA D 183 21.72 6.09 19.34
N GLY D 184 20.71 6.84 19.74
CA GLY D 184 20.95 7.87 20.81
C GLY D 184 21.39 7.23 22.12
N ALA D 185 20.65 6.16 22.54
CA ALA D 185 20.94 5.41 23.76
C ALA D 185 22.33 4.84 23.64
N ALA D 186 22.67 4.33 22.45
CA ALA D 186 23.97 3.71 22.29
C ALA D 186 25.07 4.76 22.35
N PHE D 187 24.83 5.90 21.74
CA PHE D 187 25.92 6.92 21.75
C PHE D 187 26.08 7.46 23.16
N HIS D 188 25.02 7.75 23.88
CA HIS D 188 25.11 8.18 25.26
C HIS D 188 25.81 7.10 26.11
N LEU D 189 25.47 5.82 25.94
CA LEU D 189 26.12 4.81 26.79
C LEU D 189 27.61 4.64 26.50
N ALA D 190 27.96 4.79 25.22
CA ALA D 190 29.34 4.64 24.82
C ALA D 190 30.13 5.83 25.39
N LEU D 191 29.54 7.01 25.27
CA LEU D 191 30.23 8.21 25.70
C LEU D 191 30.45 8.17 27.19
N TYR D 192 29.40 7.87 27.91
CA TYR D 192 29.41 7.81 29.35
C TYR D 192 30.45 6.81 29.84
N THR D 193 30.49 5.66 29.14
CA THR D 193 31.43 4.64 29.49
C THR D 193 32.83 5.09 29.31
N VAL D 194 33.18 5.70 28.18
CA VAL D 194 34.60 5.96 27.95
C VAL D 194 35.14 7.26 28.55
N THR D 195 34.41 8.32 28.79
CA THR D 195 34.95 9.62 29.12
C THR D 195 34.12 10.18 30.24
N GLY D 196 32.98 9.60 30.61
CA GLY D 196 32.05 10.10 31.61
C GLY D 196 31.11 11.18 31.15
N GLN D 197 31.22 11.60 29.85
CA GLN D 197 30.28 12.65 29.39
C GLN D 197 28.92 12.05 29.08
N SER D 198 28.00 12.89 28.70
CA SER D 198 26.63 12.62 28.38
C SER D 198 26.05 13.04 27.03
N TRP D 199 24.93 12.47 26.62
CA TRP D 199 24.22 12.87 25.43
C TRP D 199 24.33 14.40 25.30
N PRO D 200 24.92 14.93 24.24
CA PRO D 200 25.13 16.36 24.18
C PRO D 200 23.96 17.22 23.83
N GLU D 201 24.12 18.45 24.42
CA GLU D 201 23.13 19.49 24.18
C GLU D 201 22.93 19.73 22.69
N SER D 202 23.94 19.57 21.84
CA SER D 202 23.71 19.89 20.40
C SER D 202 22.91 18.77 19.78
N LEU D 203 23.06 17.52 20.30
CA LEU D 203 22.23 16.42 19.76
C LEU D 203 20.83 16.48 20.27
N ILE D 204 20.70 16.97 21.53
CA ILE D 204 19.33 17.20 22.07
C ILE D 204 18.54 18.10 21.11
N ARG D 205 19.10 19.21 20.66
CA ARG D 205 18.43 20.14 19.78
C ARG D 205 18.30 19.52 18.38
N LYS D 206 19.36 18.89 17.88
CA LYS D 206 19.20 18.27 16.57
C LYS D 206 18.13 17.17 16.57
N THR D 207 18.00 16.28 17.58
CA THR D 207 17.05 15.18 17.39
C THR D 207 15.78 15.45 18.09
N GLY D 208 15.84 16.42 19.03
CA GLY D 208 14.71 16.72 19.92
C GLY D 208 14.68 15.60 20.98
N TYR D 209 15.72 14.77 21.20
CA TYR D 209 15.57 13.71 22.20
C TYR D 209 16.35 14.14 23.44
N THR D 210 15.63 14.23 24.55
CA THR D 210 16.41 14.46 25.79
C THR D 210 16.86 13.10 26.33
N LEU D 211 17.68 13.15 27.34
CA LEU D 211 18.18 12.01 28.09
C LEU D 211 16.98 11.33 28.74
N GLU D 212 15.93 12.01 29.13
CA GLU D 212 14.73 11.42 29.64
C GLU D 212 14.06 10.67 28.52
N SER D 213 13.78 11.21 27.33
CA SER D 213 13.13 10.38 26.31
C SER D 213 13.92 9.13 25.94
N LEU D 214 15.23 9.01 26.06
CA LEU D 214 16.07 7.92 25.80
C LEU D 214 16.12 6.89 26.96
N LYS D 215 15.64 7.24 28.14
CA LYS D 215 15.81 6.43 29.32
C LYS D 215 15.33 4.99 29.23
N PRO D 216 14.09 4.73 28.86
CA PRO D 216 13.62 3.39 28.64
C PRO D 216 14.54 2.62 27.73
N CYS D 217 15.04 3.19 26.62
CA CYS D 217 15.93 2.40 25.73
C CYS D 217 17.27 2.23 26.43
N LEU D 218 17.75 3.31 27.08
CA LEU D 218 19.04 3.20 27.76
C LEU D 218 19.09 2.20 28.93
N MET D 219 18.01 2.05 29.71
CA MET D 219 17.94 1.05 30.76
C MET D 219 18.06 -0.37 30.12
N ASP D 220 17.31 -0.63 29.07
CA ASP D 220 17.43 -1.90 28.40
C ASP D 220 18.85 -2.05 27.88
N LEU D 221 19.42 -1.02 27.23
CA LEU D 221 20.74 -1.25 26.64
C LEU D 221 21.77 -1.43 27.68
N HIS D 222 21.68 -0.72 28.81
CA HIS D 222 22.60 -0.96 29.92
C HIS D 222 22.51 -2.43 30.42
N GLN D 223 21.34 -2.97 30.62
CA GLN D 223 21.19 -4.37 31.01
C GLN D 223 21.82 -5.24 29.92
N THR D 224 21.50 -4.99 28.60
CA THR D 224 22.19 -5.84 27.61
C THR D 224 23.67 -5.70 27.68
N TYR D 225 24.22 -4.48 27.86
CA TYR D 225 25.72 -4.40 27.96
C TYR D 225 26.27 -5.20 29.15
N LEU D 226 25.68 -4.96 30.36
CA LEU D 226 26.16 -5.71 31.54
C LEU D 226 26.06 -7.23 31.32
N LYS D 227 25.02 -7.74 30.66
CA LYS D 227 24.90 -9.15 30.44
C LYS D 227 25.49 -9.73 29.17
N ALA D 228 26.20 -8.96 28.34
CA ALA D 228 26.78 -9.45 27.12
C ALA D 228 27.69 -10.67 27.23
N PRO D 229 28.60 -10.72 28.18
CA PRO D 229 29.52 -11.85 28.33
C PRO D 229 28.75 -13.14 28.63
N GLN D 230 27.51 -13.15 29.12
CA GLN D 230 26.84 -14.39 29.29
C GLN D 230 25.76 -14.72 28.26
N HIS D 231 25.49 -13.80 27.31
CA HIS D 231 24.39 -14.03 26.40
C HIS D 231 24.65 -15.28 25.61
N ALA D 232 23.70 -16.02 25.15
CA ALA D 232 24.02 -17.16 24.28
C ALA D 232 24.73 -16.80 22.98
N GLN D 233 24.47 -15.59 22.46
CA GLN D 233 25.09 -15.24 21.16
C GLN D 233 26.29 -14.37 21.42
N GLN D 234 27.46 -14.68 20.84
CA GLN D 234 28.68 -13.99 21.18
C GLN D 234 29.45 -13.52 19.97
N SER D 235 28.95 -13.64 18.74
CA SER D 235 29.79 -13.20 17.61
C SER D 235 30.10 -11.70 17.61
N ILE D 236 29.20 -10.91 18.17
CA ILE D 236 29.48 -9.46 18.09
C ILE D 236 30.56 -9.14 19.07
N ARG D 237 30.48 -9.66 20.30
CA ARG D 237 31.62 -9.48 21.25
C ARG D 237 32.91 -10.01 20.61
N GLU D 238 32.85 -11.18 19.94
CA GLU D 238 34.13 -11.61 19.36
C GLU D 238 34.69 -10.59 18.38
N LYS D 239 33.78 -10.14 17.47
CA LYS D 239 34.16 -9.19 16.42
C LYS D 239 34.66 -7.91 17.04
N TYR D 240 34.10 -7.38 18.12
CA TYR D 240 34.60 -6.12 18.61
C TYR D 240 35.83 -6.27 19.53
N LYS D 241 36.45 -7.43 19.59
CA LYS D 241 37.70 -7.65 20.29
C LYS D 241 38.85 -7.11 19.41
N ASN D 242 38.68 -7.14 18.11
CA ASN D 242 39.69 -6.71 17.17
C ASN D 242 40.17 -5.28 17.39
N SER D 243 41.40 -5.08 16.87
CA SER D 243 42.11 -3.81 17.03
C SER D 243 41.50 -2.77 16.12
N LYS D 244 40.81 -3.20 15.08
CA LYS D 244 40.02 -2.35 14.23
C LYS D 244 38.96 -1.62 15.10
N TYR D 245 38.52 -2.29 16.17
CA TYR D 245 37.49 -1.70 17.00
C TYR D 245 38.02 -1.24 18.33
N HIS D 246 39.34 -1.08 18.41
CA HIS D 246 39.94 -0.66 19.70
C HIS D 246 39.67 -1.65 20.81
N GLY D 247 39.40 -2.91 20.48
CA GLY D 247 39.01 -3.96 21.47
C GLY D 247 37.93 -3.50 22.42
N VAL D 248 37.00 -2.56 22.11
CA VAL D 248 36.02 -2.07 23.02
C VAL D 248 35.13 -3.10 23.72
N SER D 249 34.86 -4.28 23.12
CA SER D 249 34.00 -5.21 23.83
C SER D 249 34.70 -5.74 25.13
N LEU D 250 35.99 -5.47 25.35
CA LEU D 250 36.72 -5.83 26.54
C LEU D 250 36.53 -4.78 27.61
N LEU D 251 36.22 -3.52 27.21
CA LEU D 251 35.98 -2.56 28.31
C LEU D 251 34.90 -3.07 29.27
N ASN D 252 34.92 -2.67 30.53
CA ASN D 252 33.92 -3.00 31.50
C ASN D 252 32.83 -1.95 31.50
N PRO D 253 31.59 -2.37 31.46
CA PRO D 253 30.45 -1.48 31.46
C PRO D 253 30.32 -0.75 32.78
N PRO D 254 29.78 0.47 32.75
CA PRO D 254 29.61 1.22 33.99
C PRO D 254 28.64 0.41 34.87
N GLU D 255 28.75 0.52 36.18
CA GLU D 255 27.87 -0.23 37.07
C GLU D 255 26.53 0.47 37.14
N THR D 256 26.56 1.79 37.15
CA THR D 256 25.31 2.51 37.21
C THR D 256 25.39 3.66 36.18
N LEU D 257 24.20 4.10 35.77
CA LEU D 257 24.17 5.21 34.81
C LEU D 257 23.89 6.56 35.49
N ASN D 258 23.61 6.54 36.78
CA ASN D 258 23.27 7.72 37.56
C ASN D 258 22.12 8.47 36.92
N LEU D 259 21.09 7.72 36.53
CA LEU D 259 19.88 8.34 36.00
C LEU D 259 18.84 8.34 37.13
N HIS E 1 -28.62 -32.85 3.55
CA HIS E 1 -28.11 -31.49 3.60
C HIS E 1 -28.23 -30.88 2.16
N HIS E 2 -28.29 -29.55 2.20
CA HIS E 2 -28.45 -28.74 1.02
C HIS E 2 -27.15 -27.99 0.76
N ALA E 3 -27.03 -27.56 -0.48
CA ALA E 3 -25.89 -26.75 -0.90
C ALA E 3 -26.27 -25.30 -0.52
N SER E 4 -25.21 -24.49 -0.45
CA SER E 4 -25.37 -23.06 -0.21
C SER E 4 -26.09 -22.52 -1.44
N PRO E 5 -27.07 -21.64 -1.29
CA PRO E 5 -27.75 -21.04 -2.40
C PRO E 5 -26.82 -20.22 -3.25
N ARG E 6 -26.94 -20.40 -4.56
CA ARG E 6 -26.15 -20.07 -5.71
C ARG E 6 -26.39 -18.82 -6.49
N LYS E 7 -25.54 -17.81 -6.73
CA LYS E 7 -26.09 -16.70 -7.51
C LYS E 7 -26.37 -17.25 -8.92
N HIS F 1 32.47 9.09 -27.75
CA HIS F 1 31.72 8.99 -26.53
C HIS F 1 32.01 7.59 -25.93
N HIS F 2 31.82 7.59 -24.61
CA HIS F 2 32.06 6.43 -23.79
C HIS F 2 30.73 5.88 -23.30
N ALA F 3 30.73 4.61 -22.92
CA ALA F 3 29.56 4.02 -22.29
C ALA F 3 29.64 4.43 -20.81
N SER F 4 28.47 4.31 -20.16
CA SER F 4 28.38 4.50 -18.71
C SER F 4 29.21 3.37 -18.06
N PRO F 5 29.96 3.64 -17.01
CA PRO F 5 30.75 2.64 -16.33
C PRO F 5 29.85 1.64 -15.67
N ARG F 6 30.25 0.39 -15.84
CA ARG F 6 29.61 -0.90 -15.63
C ARG F 6 29.80 -1.59 -14.32
N LYS F 7 28.85 -2.03 -13.48
CA LYS F 7 29.30 -2.78 -12.30
C LYS F 7 29.89 -4.13 -12.73
PG ATP G . -19.78 -23.68 0.11
O1G ATP G . -20.07 -24.77 -0.91
O2G ATP G . -20.55 -23.73 1.41
O3G ATP G . -20.30 -22.42 -0.65
PB ATP G . -17.30 -23.07 -0.95
O1B ATP G . -17.02 -24.36 -1.63
O2B ATP G . -17.83 -22.07 -1.82
O3B ATP G . -18.20 -23.52 0.31
PA ATP G . -15.51 -22.55 1.23
O1A ATP G . -14.79 -21.35 1.64
O2A ATP G . -16.59 -22.79 2.28
O3A ATP G . -15.98 -22.49 -0.26
O5' ATP G . -14.70 -23.92 1.39
C5' ATP G . -14.96 -25.30 1.16
C4' ATP G . -14.38 -26.12 2.35
O4' ATP G . -12.89 -26.05 2.33
C3' ATP G . -14.70 -25.47 3.72
O3' ATP G . -15.98 -25.94 4.16
C2' ATP G . -13.61 -26.10 4.62
O2' ATP G . -13.90 -27.47 4.84
C1' ATP G . -12.42 -26.05 3.62
N9 ATP G . -11.69 -24.83 3.91
C8 ATP G . -11.88 -23.62 3.34
N7 ATP G . -11.05 -22.75 3.76
C5 ATP G . -10.28 -23.40 4.61
C6 ATP G . -9.21 -22.93 5.34
N6 ATP G . -8.77 -21.65 5.31
N1 ATP G . -8.61 -23.88 6.13
C2 ATP G . -9.08 -25.19 6.18
N3 ATP G . -10.10 -25.69 5.48
C4 ATP G . -10.65 -24.70 4.78
MG MG H . -18.66 -22.86 2.27
PG ATP I . 23.03 4.14 -19.96
O1G ATP I . 23.65 3.18 -21.01
O2G ATP I . 23.55 5.52 -20.06
O3G ATP I . 23.39 3.51 -18.62
PB ATP I . 20.70 2.60 -20.10
O1B ATP I . 20.62 1.91 -21.45
O2B ATP I . 20.92 1.65 -19.08
O3B ATP I . 21.44 3.96 -20.27
PA ATP I . 18.46 4.34 -19.72
O1A ATP I . 17.44 4.49 -18.64
O2A ATP I . 19.37 5.57 -19.82
O3A ATP I . 19.19 2.99 -19.75
O5' ATP I . 17.77 4.40 -21.17
C5' ATP I . 18.42 4.36 -22.43
C4' ATP I . 17.79 5.47 -23.30
O4' ATP I . 16.34 5.20 -23.51
C3' ATP I . 17.83 6.87 -22.67
O3' ATP I . 19.06 7.54 -23.04
C2' ATP I . 16.71 7.53 -23.51
O2' ATP I . 17.32 7.85 -24.81
C1' ATP I . 15.70 6.38 -23.75
N9 ATP I . 14.63 6.49 -22.74
C8 ATP I . 14.68 5.94 -21.48
N7 ATP I . 13.66 6.16 -20.77
C5 ATP I . 12.89 6.91 -21.55
C6 ATP I . 11.65 7.43 -21.23
N6 ATP I . 11.02 7.26 -20.04
N1 ATP I . 11.07 8.13 -22.23
C2 ATP I . 11.74 8.28 -23.44
N3 ATP I . 12.93 7.79 -23.80
C4 ATP I . 13.43 7.15 -22.76
MG MG J . 21.38 5.80 -19.76
#